data_1USR
#
_entry.id   1USR
#
_cell.length_a   175.480
_cell.length_b   99.260
_cell.length_c   64.330
_cell.angle_alpha   90.00
_cell.angle_beta   90.00
_cell.angle_gamma   90.00
#
_symmetry.space_group_name_H-M   'P 21 21 2'
#
loop_
_entity.id
_entity.type
_entity.pdbx_description
1 polymer 'HEMAGGLUTININ-NEURAMINIDASE GLYCOPROTEIN'
2 branched 'N-acetyl-alpha-neuraminic acid-(2-6)-methyl 6-thio-beta-D-galactopyranoside'
3 non-polymer '2-DEOXY-2,3-DEHYDRO-N-ACETYL-NEURAMINIC ACID'
4 non-polymer 2-acetamido-2-deoxy-alpha-D-glucopyranose
5 non-polymer 'CALCIUM ION'
6 non-polymer 'N-acetyl-alpha-neuraminic acid'
7 water water
#
_entity_poly.entity_id   1
_entity_poly.type   'polypeptide(L)'
_entity_poly.pdbx_seq_one_letter_code
;GAPIHDPDFIGGIGKELIVDNASDVTSFYPSAFQEHLNFIPAPTTGSGCTRIPSFDMSATHYCYTHNVILSGCRDHSHSH
QYLALGVLRTTATGRIFFSTLRSISLDDTQNRKSCSVSATPLGCDMLCSKVTETEEEDYNSAVPTLMAHGRLGFDGQYHE
KDLDVTTLFEDWVANYPGVGGGSFIDGRVWFSVYGGLKPNSPSDTVQEGKYVIYKRYNDTCPDEQDYQIRMAKSSYKPGR
FGGKRIQQAILSIKVSTSLGEDPVLTVPPNTVTLMGAEGRILTVGTSHFLYQRGSSYFSPALLYPMTVSNKTATLHSPYT
FNAFTRPGSIPCQASARCPNSCVTGVYTDPYPLIFYRNHTLRGVFGTMLDSEQARLNPASAVFDSTSRSRITRVSSSSTK
AAYTTSTCFKVVKTNKTYCLSIAEISNTLFGEFRIVPLLVEILKNDGVREARSG
;
_entity_poly.pdbx_strand_id   A,B
#
# COMPACT_ATOMS: atom_id res chain seq x y z
N GLY A 1 0.05 27.02 5.29
CA GLY A 1 -0.76 26.83 4.06
C GLY A 1 -1.20 25.39 3.87
N ALA A 2 -2.51 25.17 3.86
CA ALA A 2 -3.06 23.83 3.70
C ALA A 2 -2.60 23.25 2.37
N PRO A 3 -2.47 21.91 2.29
CA PRO A 3 -2.04 21.22 1.07
C PRO A 3 -3.06 21.37 -0.05
N ILE A 4 -2.60 21.22 -1.29
CA ILE A 4 -3.49 21.33 -2.44
C ILE A 4 -3.02 20.43 -3.58
N HIS A 5 -3.96 19.96 -4.38
CA HIS A 5 -3.67 19.11 -5.53
C HIS A 5 -2.78 19.90 -6.50
N ASP A 6 -2.05 19.19 -7.34
CA ASP A 6 -1.19 19.85 -8.33
C ASP A 6 -2.04 20.74 -9.24
N PRO A 7 -1.42 21.79 -9.80
CA PRO A 7 -2.11 22.73 -10.70
C PRO A 7 -2.94 22.09 -11.82
N ASP A 8 -2.49 20.94 -12.33
CA ASP A 8 -3.21 20.26 -13.40
C ASP A 8 -4.62 19.83 -13.03
N PHE A 9 -4.90 19.76 -11.73
CA PHE A 9 -6.21 19.34 -11.24
C PHE A 9 -7.17 20.47 -10.87
N ILE A 10 -6.65 21.68 -10.72
CA ILE A 10 -7.51 22.80 -10.35
C ILE A 10 -8.69 22.95 -11.29
N GLY A 11 -9.89 22.89 -10.72
CA GLY A 11 -11.10 23.01 -11.51
C GLY A 11 -11.56 21.67 -12.05
N GLY A 12 -10.92 20.59 -11.58
CA GLY A 12 -11.28 19.27 -12.06
C GLY A 12 -11.77 18.33 -10.97
N ILE A 13 -12.02 18.88 -9.78
CA ILE A 13 -12.48 18.06 -8.66
C ILE A 13 -13.88 18.45 -8.22
N GLY A 14 -14.74 17.45 -8.04
CA GLY A 14 -16.09 17.69 -7.58
C GLY A 14 -17.04 18.50 -8.45
N LYS A 15 -16.86 18.45 -9.77
CA LYS A 15 -17.74 19.18 -10.68
C LYS A 15 -18.43 18.21 -11.62
N GLU A 16 -19.46 18.70 -12.34
CA GLU A 16 -20.11 17.87 -13.33
C GLU A 16 -19.01 17.60 -14.35
N LEU A 17 -18.72 16.33 -14.60
CA LEU A 17 -17.61 16.00 -15.50
C LEU A 17 -17.95 16.02 -16.98
N ILE A 18 -19.08 15.43 -17.33
CA ILE A 18 -19.48 15.38 -18.73
C ILE A 18 -20.88 15.92 -18.92
N VAL A 19 -21.00 16.99 -19.69
CA VAL A 19 -22.29 17.58 -19.97
C VAL A 19 -22.57 17.30 -21.42
N ASP A 20 -23.57 16.46 -21.65
CA ASP A 20 -23.94 16.08 -22.99
C ASP A 20 -25.43 15.74 -23.00
N ASN A 21 -26.08 16.02 -24.11
CA ASN A 21 -27.50 15.74 -24.26
C ASN A 21 -27.75 14.94 -25.53
N ALA A 22 -26.91 15.14 -26.54
CA ALA A 22 -27.06 14.45 -27.81
C ALA A 22 -26.50 13.04 -27.88
N SER A 23 -25.59 12.71 -26.96
CA SER A 23 -24.98 11.38 -26.96
C SER A 23 -25.67 10.42 -26.00
N ASP A 24 -25.55 9.13 -26.28
CA ASP A 24 -26.12 8.11 -25.41
C ASP A 24 -25.13 7.99 -24.25
N VAL A 25 -25.63 7.87 -23.03
CA VAL A 25 -24.75 7.76 -21.87
C VAL A 25 -23.83 6.55 -21.96
N THR A 26 -24.35 5.42 -22.45
CA THR A 26 -23.55 4.21 -22.55
C THR A 26 -22.54 4.20 -23.69
N SER A 27 -22.42 5.30 -24.42
CA SER A 27 -21.42 5.37 -25.49
C SER A 27 -20.11 5.72 -24.77
N PHE A 28 -20.24 6.13 -23.51
CA PHE A 28 -19.10 6.45 -22.66
C PHE A 28 -18.83 5.19 -21.85
N TYR A 29 -17.56 4.86 -21.67
CA TYR A 29 -17.20 3.66 -20.95
C TYR A 29 -15.80 3.75 -20.34
N PRO A 30 -15.48 2.84 -19.41
CA PRO A 30 -14.16 2.86 -18.79
C PRO A 30 -13.09 2.15 -19.60
N SER A 31 -11.89 2.69 -19.54
CA SER A 31 -10.74 2.10 -20.22
C SER A 31 -10.34 0.91 -19.35
N ALA A 32 -9.30 0.20 -19.78
CA ALA A 32 -8.80 -0.93 -19.00
C ALA A 32 -8.24 -0.29 -17.72
N PHE A 33 -8.06 -1.07 -16.66
CA PHE A 33 -7.51 -0.52 -15.42
C PHE A 33 -6.11 0.00 -15.67
N GLN A 34 -5.80 1.13 -15.03
CA GLN A 34 -4.49 1.78 -15.19
C GLN A 34 -3.58 1.57 -13.99
N GLU A 35 -2.28 1.47 -14.26
CA GLU A 35 -1.31 1.28 -13.21
C GLU A 35 -0.98 2.64 -12.61
N HIS A 36 -1.17 2.76 -11.30
CA HIS A 36 -0.89 4.02 -10.62
C HIS A 36 -0.51 3.74 -9.18
N LEU A 37 0.04 4.75 -8.51
CA LEU A 37 0.48 4.63 -7.12
C LEU A 37 -0.63 4.14 -6.20
N ASN A 38 -0.49 2.90 -5.73
CA ASN A 38 -1.51 2.32 -4.86
C ASN A 38 -1.39 2.93 -3.47
N PHE A 39 -2.25 3.91 -3.17
CA PHE A 39 -2.20 4.57 -1.86
C PHE A 39 -2.89 3.83 -0.72
N ILE A 40 -3.41 2.64 -1.00
CA ILE A 40 -4.11 1.88 0.04
C ILE A 40 -3.35 0.67 0.58
N PRO A 41 -3.01 0.71 1.88
CA PRO A 41 -2.28 -0.38 2.53
C PRO A 41 -2.98 -1.75 2.48
N ALA A 42 -2.23 -2.78 2.11
CA ALA A 42 -2.74 -4.14 2.06
C ALA A 42 -2.29 -4.85 3.34
N PRO A 43 -2.89 -5.99 3.69
CA PRO A 43 -2.49 -6.72 4.91
C PRO A 43 -1.03 -7.16 4.90
N THR A 44 -0.47 -7.37 6.08
CA THR A 44 0.91 -7.82 6.21
C THR A 44 1.03 -9.18 6.90
N THR A 45 -0.12 -9.80 7.19
CA THR A 45 -0.15 -11.11 7.83
C THR A 45 -1.20 -11.97 7.15
N GLY A 46 -1.19 -13.27 7.44
CA GLY A 46 -2.15 -14.17 6.82
C GLY A 46 -3.59 -14.03 7.27
N SER A 47 -3.80 -13.50 8.48
CA SER A 47 -5.16 -13.35 9.00
C SER A 47 -5.69 -11.92 9.04
N GLY A 48 -4.80 -10.95 8.82
CA GLY A 48 -5.20 -9.56 8.86
C GLY A 48 -6.42 -9.22 8.00
N CYS A 49 -7.39 -8.54 8.59
CA CYS A 49 -8.60 -8.17 7.87
C CYS A 49 -8.72 -6.67 7.63
N THR A 50 -8.47 -6.25 6.40
CA THR A 50 -8.60 -4.83 6.05
C THR A 50 -9.91 -4.69 5.26
N ARG A 51 -10.89 -4.00 5.83
CA ARG A 51 -12.18 -3.82 5.18
C ARG A 51 -12.84 -2.48 5.50
N ILE A 52 -13.98 -2.27 4.85
CA ILE A 52 -14.79 -1.07 5.06
C ILE A 52 -14.08 0.21 4.66
N PRO A 53 -13.87 0.41 3.35
CA PRO A 53 -13.20 1.62 2.89
C PRO A 53 -14.15 2.81 2.81
N SER A 54 -13.62 3.99 3.08
CA SER A 54 -14.40 5.22 2.99
C SER A 54 -13.49 6.24 2.32
N PHE A 55 -14.04 6.99 1.37
CA PHE A 55 -13.24 7.97 0.64
C PHE A 55 -14.03 9.22 0.22
N ASP A 56 -13.37 10.36 0.32
CA ASP A 56 -13.96 11.63 -0.06
C ASP A 56 -12.85 12.59 -0.48
N MET A 57 -13.10 13.37 -1.53
CA MET A 57 -12.10 14.31 -2.02
C MET A 57 -12.70 15.68 -2.32
N SER A 58 -12.05 16.72 -1.80
CA SER A 58 -12.49 18.09 -2.01
C SER A 58 -11.60 18.72 -3.06
N ALA A 59 -11.84 19.99 -3.35
CA ALA A 59 -11.06 20.72 -4.34
C ALA A 59 -9.61 20.93 -3.89
N THR A 60 -9.27 20.50 -2.67
CA THR A 60 -7.90 20.65 -2.19
C THR A 60 -7.18 19.38 -1.79
N HIS A 61 -7.88 18.46 -1.13
CA HIS A 61 -7.26 17.21 -0.70
C HIS A 61 -8.23 16.05 -0.66
N TYR A 62 -7.71 14.83 -0.53
CA TYR A 62 -8.55 13.66 -0.46
C TYR A 62 -8.37 12.99 0.91
N CYS A 63 -9.38 12.24 1.32
CA CYS A 63 -9.35 11.54 2.61
C CYS A 63 -9.75 10.08 2.41
N TYR A 64 -9.09 9.19 3.15
CA TYR A 64 -9.38 7.76 3.04
C TYR A 64 -9.19 7.06 4.38
N THR A 65 -9.97 6.01 4.60
CA THR A 65 -9.86 5.24 5.84
C THR A 65 -10.45 3.85 5.67
N HIS A 66 -9.94 2.89 6.44
CA HIS A 66 -10.49 1.54 6.42
C HIS A 66 -10.21 0.90 7.78
N ASN A 67 -10.99 -0.13 8.10
CA ASN A 67 -10.88 -0.83 9.38
C ASN A 67 -9.91 -1.99 9.28
N VAL A 68 -9.23 -2.28 10.39
CA VAL A 68 -8.27 -3.39 10.43
C VAL A 68 -8.50 -4.28 11.65
N ILE A 69 -8.68 -5.58 11.42
CA ILE A 69 -8.88 -6.53 12.50
C ILE A 69 -7.74 -7.53 12.38
N LEU A 70 -7.01 -7.73 13.48
CA LEU A 70 -5.85 -8.63 13.48
C LEU A 70 -6.11 -10.11 13.21
N SER A 71 -7.07 -10.70 13.92
CA SER A 71 -7.34 -12.13 13.80
C SER A 71 -8.17 -12.60 12.62
N GLY A 72 -8.91 -11.70 11.99
CA GLY A 72 -9.74 -12.10 10.89
C GLY A 72 -10.95 -11.19 10.81
N CYS A 73 -11.72 -11.31 9.73
CA CYS A 73 -12.87 -10.44 9.56
C CYS A 73 -14.06 -10.76 10.48
N ARG A 74 -14.10 -11.96 11.02
CA ARG A 74 -15.19 -12.38 11.89
C ARG A 74 -14.99 -12.04 13.37
N ASP A 75 -13.80 -11.59 13.73
CA ASP A 75 -13.52 -11.21 15.11
C ASP A 75 -14.06 -9.80 15.34
N HIS A 76 -14.79 -9.61 16.43
CA HIS A 76 -15.38 -8.30 16.72
C HIS A 76 -14.88 -7.73 18.05
N SER A 77 -13.86 -8.35 18.63
CA SER A 77 -13.32 -7.90 19.91
C SER A 77 -12.70 -6.49 19.87
N HIS A 78 -11.76 -6.29 18.94
CA HIS A 78 -11.11 -4.98 18.83
C HIS A 78 -10.61 -4.76 17.41
N SER A 79 -10.28 -3.52 17.09
CA SER A 79 -9.77 -3.17 15.76
C SER A 79 -9.23 -1.75 15.76
N HIS A 80 -8.61 -1.37 14.66
CA HIS A 80 -8.09 -0.03 14.51
C HIS A 80 -8.38 0.49 13.11
N GLN A 81 -8.13 1.77 12.88
CA GLN A 81 -8.38 2.36 11.57
C GLN A 81 -7.12 2.88 10.93
N TYR A 82 -7.06 2.76 9.62
CA TYR A 82 -5.97 3.35 8.89
C TYR A 82 -6.55 4.64 8.34
N LEU A 83 -5.84 5.75 8.50
CA LEU A 83 -6.34 7.04 8.02
C LEU A 83 -5.31 7.72 7.14
N ALA A 84 -5.77 8.34 6.05
CA ALA A 84 -4.87 9.02 5.15
C ALA A 84 -5.45 10.31 4.59
N LEU A 85 -4.58 11.31 4.49
CA LEU A 85 -4.93 12.62 3.94
C LEU A 85 -3.86 12.89 2.89
N GLY A 86 -4.29 13.23 1.67
CA GLY A 86 -3.32 13.47 0.63
C GLY A 86 -3.82 14.38 -0.48
N VAL A 87 -3.05 14.48 -1.55
CA VAL A 87 -3.43 15.31 -2.68
C VAL A 87 -3.07 14.62 -3.98
N LEU A 88 -3.74 15.02 -5.06
CA LEU A 88 -3.49 14.46 -6.37
C LEU A 88 -2.33 15.21 -7.03
N ARG A 89 -1.48 14.48 -7.74
CA ARG A 89 -0.35 15.08 -8.43
C ARG A 89 -0.15 14.37 -9.76
N THR A 90 0.77 14.89 -10.57
CA THR A 90 1.07 14.30 -11.86
C THR A 90 2.57 14.16 -12.02
N THR A 91 2.98 13.10 -12.69
CA THR A 91 4.40 12.82 -12.95
C THR A 91 4.82 13.73 -14.08
N ALA A 92 6.11 13.68 -14.43
CA ALA A 92 6.60 14.50 -15.53
C ALA A 92 5.92 14.11 -16.84
N THR A 93 5.56 12.84 -16.95
CA THR A 93 4.90 12.32 -18.14
C THR A 93 3.39 12.55 -18.12
N GLY A 94 2.90 13.24 -17.10
CA GLY A 94 1.48 13.51 -17.02
C GLY A 94 0.67 12.40 -16.36
N ARG A 95 1.34 11.44 -15.74
CA ARG A 95 0.63 10.35 -15.07
C ARG A 95 0.15 10.83 -13.72
N ILE A 96 -1.07 10.46 -13.36
CA ILE A 96 -1.61 10.89 -12.09
C ILE A 96 -1.30 9.91 -10.97
N PHE A 97 -1.13 10.45 -9.76
CA PHE A 97 -0.91 9.62 -8.60
C PHE A 97 -1.45 10.31 -7.35
N PHE A 98 -2.02 9.51 -6.46
CA PHE A 98 -2.54 10.02 -5.20
C PHE A 98 -1.35 10.03 -4.26
N SER A 99 -0.92 11.23 -3.89
CA SER A 99 0.23 11.41 -3.00
C SER A 99 -0.23 11.71 -1.57
N THR A 100 -0.16 10.71 -0.71
CA THR A 100 -0.57 10.86 0.68
C THR A 100 0.46 11.64 1.49
N LEU A 101 -0.03 12.58 2.28
CA LEU A 101 0.84 13.44 3.11
C LEU A 101 0.86 13.02 4.57
N ARG A 102 -0.27 12.53 5.07
CA ARG A 102 -0.38 12.06 6.45
C ARG A 102 -0.96 10.65 6.41
N SER A 103 -0.19 9.69 6.91
CA SER A 103 -0.59 8.28 6.90
C SER A 103 -0.48 7.72 8.30
N ILE A 104 -1.61 7.39 8.95
CA ILE A 104 -1.54 6.86 10.30
C ILE A 104 -2.41 5.66 10.58
N SER A 105 -2.02 4.97 11.66
CA SER A 105 -2.77 3.88 12.21
C SER A 105 -3.33 4.46 13.50
N LEU A 106 -4.66 4.41 13.63
CA LEU A 106 -5.30 4.92 14.84
C LEU A 106 -5.77 3.73 15.65
N ASP A 107 -5.08 3.48 16.77
CA ASP A 107 -5.42 2.36 17.62
C ASP A 107 -5.22 2.71 19.09
N ASP A 108 -6.32 2.77 19.82
CA ASP A 108 -6.28 3.06 21.25
C ASP A 108 -7.19 2.08 21.97
N THR A 109 -7.74 2.49 23.11
CA THR A 109 -8.60 1.59 23.87
C THR A 109 -10.00 1.50 23.29
N GLN A 110 -10.28 2.24 22.22
CA GLN A 110 -11.61 2.25 21.64
C GLN A 110 -11.77 1.53 20.32
N ASN A 111 -12.92 0.88 20.15
CA ASN A 111 -13.20 0.12 18.94
C ASN A 111 -14.13 0.87 17.99
N ARG A 112 -13.53 1.66 17.08
CA ARG A 112 -14.30 2.43 16.12
C ARG A 112 -14.72 1.53 14.97
N LYS A 113 -15.99 1.63 14.56
CA LYS A 113 -16.53 0.81 13.49
C LYS A 113 -17.44 1.58 12.52
N SER A 114 -17.57 1.04 11.31
CA SER A 114 -18.43 1.63 10.28
C SER A 114 -18.14 3.10 10.01
N CYS A 115 -16.86 3.47 10.09
CA CYS A 115 -16.45 4.87 9.92
C CYS A 115 -16.54 5.45 8.52
N SER A 116 -16.90 6.72 8.45
CA SER A 116 -17.01 7.47 7.20
C SER A 116 -16.10 8.70 7.28
N VAL A 117 -15.46 9.07 6.16
CA VAL A 117 -14.60 10.25 6.17
C VAL A 117 -15.08 11.29 5.18
N SER A 118 -14.65 12.52 5.41
CA SER A 118 -15.01 13.64 4.54
C SER A 118 -13.91 14.70 4.58
N ALA A 119 -13.56 15.20 3.40
CA ALA A 119 -12.53 16.24 3.31
C ALA A 119 -13.16 17.60 3.59
N THR A 120 -12.70 18.24 4.66
CA THR A 120 -13.20 19.56 5.04
C THR A 120 -12.00 20.51 5.01
N PRO A 121 -12.26 21.83 5.10
CA PRO A 121 -11.16 22.80 5.08
C PRO A 121 -10.15 22.64 6.21
N LEU A 122 -10.51 21.86 7.23
CA LEU A 122 -9.61 21.67 8.37
C LEU A 122 -8.88 20.33 8.36
N GLY A 123 -9.14 19.51 7.35
CA GLY A 123 -8.46 18.23 7.27
C GLY A 123 -9.36 17.08 6.84
N CYS A 124 -9.24 15.95 7.53
CA CYS A 124 -10.05 14.78 7.23
C CYS A 124 -10.92 14.43 8.41
N ASP A 125 -12.20 14.82 8.32
CA ASP A 125 -13.18 14.56 9.36
C ASP A 125 -13.64 13.11 9.27
N MET A 126 -13.84 12.50 10.42
CA MET A 126 -14.30 11.13 10.46
C MET A 126 -15.43 10.94 11.47
N LEU A 127 -16.42 10.16 11.08
CA LEU A 127 -17.54 9.85 11.93
C LEU A 127 -17.49 8.35 12.12
N CYS A 128 -17.42 7.91 13.37
CA CYS A 128 -17.38 6.49 13.67
C CYS A 128 -18.32 6.17 14.83
N SER A 129 -18.62 4.89 14.98
CA SER A 129 -19.41 4.42 16.11
C SER A 129 -18.39 3.65 16.95
N LYS A 130 -18.52 3.71 18.27
CA LYS A 130 -17.61 2.99 19.14
C LYS A 130 -18.45 1.89 19.76
N VAL A 131 -18.12 0.65 19.41
CA VAL A 131 -18.90 -0.48 19.87
C VAL A 131 -18.27 -1.37 20.94
N THR A 132 -19.14 -2.02 21.70
CA THR A 132 -18.77 -2.92 22.77
C THR A 132 -19.72 -4.13 22.68
N GLU A 133 -20.27 -4.32 21.48
CA GLU A 133 -21.21 -5.42 21.23
C GLU A 133 -21.39 -5.66 19.74
N THR A 134 -21.95 -6.82 19.40
CA THR A 134 -22.16 -7.16 18.00
C THR A 134 -23.35 -6.35 17.48
N GLU A 135 -23.42 -6.20 16.17
CA GLU A 135 -24.50 -5.45 15.55
C GLU A 135 -25.84 -5.98 16.08
N GLU A 136 -25.96 -7.29 16.14
CA GLU A 136 -27.18 -7.95 16.63
C GLU A 136 -27.49 -7.51 18.07
N GLU A 137 -26.48 -7.60 18.93
CA GLU A 137 -26.62 -7.22 20.33
C GLU A 137 -26.96 -5.75 20.50
N ASP A 138 -26.41 -4.92 19.63
CA ASP A 138 -26.64 -3.47 19.70
C ASP A 138 -28.12 -3.13 19.54
N TYR A 139 -28.75 -3.72 18.54
CA TYR A 139 -30.16 -3.50 18.26
C TYR A 139 -31.05 -3.99 19.40
N ASN A 140 -30.56 -4.94 20.19
CA ASN A 140 -31.33 -5.46 21.29
C ASN A 140 -31.24 -4.61 22.55
N SER A 141 -30.14 -3.87 22.70
CA SER A 141 -29.97 -3.00 23.86
C SER A 141 -30.60 -1.64 23.53
N ALA A 142 -31.48 -1.17 24.41
CA ALA A 142 -32.21 0.08 24.21
C ALA A 142 -31.38 1.33 23.99
N VAL A 143 -30.30 1.49 24.75
CA VAL A 143 -29.47 2.69 24.60
C VAL A 143 -28.84 2.74 23.22
N PRO A 144 -28.63 3.95 22.68
CA PRO A 144 -28.04 4.13 21.35
C PRO A 144 -26.56 3.78 21.30
N THR A 145 -26.00 3.75 20.10
CA THR A 145 -24.59 3.44 19.89
C THR A 145 -23.77 4.69 20.12
N LEU A 146 -22.60 4.53 20.75
CA LEU A 146 -21.72 5.67 20.99
C LEU A 146 -21.12 6.05 19.64
N MET A 147 -20.99 7.35 19.40
CA MET A 147 -20.41 7.85 18.17
C MET A 147 -19.43 8.96 18.48
N ALA A 148 -18.48 9.19 17.57
CA ALA A 148 -17.48 10.22 17.77
C ALA A 148 -17.13 10.93 16.47
N HIS A 149 -16.89 12.23 16.57
CA HIS A 149 -16.52 13.06 15.43
C HIS A 149 -15.04 13.33 15.61
N GLY A 150 -14.23 12.80 14.70
CA GLY A 150 -12.80 13.01 14.81
C GLY A 150 -12.26 13.76 13.61
N ARG A 151 -10.96 14.02 13.62
CA ARG A 151 -10.32 14.71 12.51
C ARG A 151 -8.82 14.57 12.49
N LEU A 152 -8.31 14.18 11.36
CA LEU A 152 -6.88 14.09 11.11
C LEU A 152 -6.55 15.43 10.46
N GLY A 153 -5.80 16.26 11.19
CA GLY A 153 -5.44 17.57 10.69
C GLY A 153 -4.30 17.52 9.67
N PHE A 154 -4.07 18.64 8.99
CA PHE A 154 -2.99 18.75 8.02
C PHE A 154 -1.64 18.53 8.69
N ASP A 155 -1.60 18.73 10.01
CA ASP A 155 -0.36 18.55 10.77
C ASP A 155 -0.18 17.10 11.18
N GLY A 156 -1.07 16.24 10.70
CA GLY A 156 -0.97 14.82 11.00
C GLY A 156 -1.44 14.39 12.38
N GLN A 157 -2.07 15.31 13.10
CA GLN A 157 -2.57 15.00 14.44
C GLN A 157 -4.04 14.65 14.40
N TYR A 158 -4.44 13.67 15.21
CA TYR A 158 -5.84 13.25 15.26
C TYR A 158 -6.49 13.70 16.57
N HIS A 159 -7.69 14.28 16.44
CA HIS A 159 -8.44 14.73 17.60
C HIS A 159 -9.88 14.28 17.40
N GLU A 160 -10.59 14.03 18.49
CA GLU A 160 -11.99 13.64 18.39
C GLU A 160 -12.79 13.94 19.65
N LYS A 161 -14.10 13.95 19.50
CA LYS A 161 -15.01 14.22 20.59
C LYS A 161 -16.21 13.29 20.46
N ASP A 162 -16.55 12.60 21.54
CA ASP A 162 -17.69 11.70 21.50
C ASP A 162 -18.93 12.56 21.43
N LEU A 163 -19.93 12.11 20.68
CA LEU A 163 -21.17 12.87 20.55
C LEU A 163 -22.10 12.48 21.70
N ASP A 164 -22.98 13.39 22.10
CA ASP A 164 -23.92 13.12 23.18
C ASP A 164 -25.08 12.33 22.60
N VAL A 165 -24.80 11.07 22.23
CA VAL A 165 -25.80 10.20 21.64
C VAL A 165 -27.06 9.96 22.48
N THR A 166 -26.94 10.10 23.79
CA THR A 166 -28.10 9.89 24.65
C THR A 166 -29.18 10.92 24.32
N THR A 167 -28.75 12.09 23.87
CA THR A 167 -29.67 13.16 23.50
C THR A 167 -29.84 13.20 21.98
N LEU A 168 -28.71 13.23 21.28
CA LEU A 168 -28.71 13.29 19.82
C LEU A 168 -29.48 12.12 19.19
N PHE A 169 -29.24 10.91 19.68
CA PHE A 169 -29.92 9.73 19.16
C PHE A 169 -30.84 9.12 20.21
N GLU A 170 -31.50 9.98 20.97
CA GLU A 170 -32.41 9.56 22.03
C GLU A 170 -33.43 8.51 21.61
N ASP A 171 -33.93 8.60 20.38
CA ASP A 171 -34.94 7.65 19.89
C ASP A 171 -34.36 6.41 19.21
N TRP A 172 -33.05 6.23 19.27
CA TRP A 172 -32.41 5.09 18.60
C TRP A 172 -31.87 3.99 19.52
N VAL A 173 -31.87 2.75 19.01
CA VAL A 173 -31.35 1.61 19.77
C VAL A 173 -30.00 1.21 19.19
N ALA A 174 -29.74 1.66 17.97
CA ALA A 174 -28.50 1.39 17.26
C ALA A 174 -28.33 2.44 16.18
N ASN A 175 -27.09 2.89 15.98
CA ASN A 175 -26.81 3.93 14.99
C ASN A 175 -25.35 3.92 14.52
N TYR A 176 -25.16 3.91 13.21
CA TYR A 176 -23.83 3.89 12.63
C TYR A 176 -23.67 4.81 11.43
N PRO A 177 -22.43 5.21 11.13
CA PRO A 177 -22.16 6.08 9.98
C PRO A 177 -22.40 5.17 8.77
N GLY A 178 -22.74 5.74 7.62
CA GLY A 178 -23.01 4.90 6.46
C GLY A 178 -21.81 4.39 5.68
N VAL A 179 -20.63 4.46 6.29
CA VAL A 179 -19.34 4.04 5.70
C VAL A 179 -18.96 4.85 4.47
N GLY A 180 -19.91 5.09 3.57
CA GLY A 180 -19.61 5.89 2.41
C GLY A 180 -19.12 7.25 2.89
N GLY A 181 -18.40 7.98 2.04
CA GLY A 181 -17.89 9.27 2.46
C GLY A 181 -18.94 10.31 2.83
N GLY A 182 -18.49 11.35 3.53
CA GLY A 182 -19.36 12.43 3.92
C GLY A 182 -19.01 13.59 3.03
N SER A 183 -19.71 14.72 3.15
CA SER A 183 -19.43 15.86 2.30
C SER A 183 -19.50 17.19 3.04
N PHE A 184 -18.56 18.07 2.72
CA PHE A 184 -18.52 19.39 3.32
C PHE A 184 -19.42 20.31 2.51
N ILE A 185 -20.44 20.85 3.17
CA ILE A 185 -21.40 21.75 2.53
C ILE A 185 -21.75 22.90 3.44
N ASP A 186 -21.59 24.13 2.95
CA ASP A 186 -21.90 25.33 3.71
C ASP A 186 -21.40 25.35 5.16
N GLY A 187 -20.09 25.24 5.35
CA GLY A 187 -19.53 25.28 6.68
C GLY A 187 -19.80 24.11 7.60
N ARG A 188 -20.53 23.11 7.10
CA ARG A 188 -20.84 21.94 7.91
C ARG A 188 -20.44 20.66 7.17
N VAL A 189 -20.19 19.59 7.92
CA VAL A 189 -19.83 18.32 7.32
C VAL A 189 -21.06 17.42 7.45
N TRP A 190 -21.44 16.79 6.34
CA TRP A 190 -22.62 15.95 6.30
C TRP A 190 -22.34 14.47 6.12
N PHE A 191 -22.88 13.66 7.04
CA PHE A 191 -22.69 12.21 7.02
C PHE A 191 -24.00 11.43 6.95
N SER A 192 -23.97 10.32 6.22
CA SER A 192 -25.13 9.44 6.10
C SER A 192 -25.05 8.54 7.34
N VAL A 193 -26.20 8.30 7.97
CA VAL A 193 -26.21 7.44 9.15
C VAL A 193 -27.42 6.52 9.07
N TYR A 194 -27.36 5.40 9.77
CA TYR A 194 -28.49 4.46 9.77
C TYR A 194 -28.45 3.61 11.03
N GLY A 195 -29.60 3.03 11.37
CA GLY A 195 -29.69 2.19 12.55
C GLY A 195 -31.12 1.83 12.83
N GLY A 196 -31.39 1.40 14.07
CA GLY A 196 -32.74 1.01 14.44
C GLY A 196 -33.36 1.99 15.42
N LEU A 197 -34.67 2.19 15.28
CA LEU A 197 -35.40 3.11 16.15
C LEU A 197 -36.02 2.41 17.33
N LYS A 198 -36.10 3.11 18.46
CA LYS A 198 -36.73 2.56 19.65
C LYS A 198 -38.22 2.53 19.34
N PRO A 199 -38.83 1.33 19.38
CA PRO A 199 -40.26 1.25 19.07
C PRO A 199 -41.14 2.18 19.91
N ASN A 200 -42.09 2.83 19.23
CA ASN A 200 -43.03 3.76 19.84
C ASN A 200 -42.45 5.08 20.28
N SER A 201 -41.21 5.36 19.90
CA SER A 201 -40.59 6.63 20.24
C SER A 201 -41.16 7.66 19.26
N PRO A 202 -40.93 8.95 19.50
CA PRO A 202 -41.44 9.98 18.59
C PRO A 202 -40.99 9.76 17.15
N SER A 203 -39.70 9.47 16.96
CA SER A 203 -39.15 9.24 15.63
C SER A 203 -39.79 8.03 14.97
N ASP A 204 -40.03 6.99 15.76
CA ASP A 204 -40.62 5.76 15.28
C ASP A 204 -42.08 5.93 14.89
N THR A 205 -42.86 6.50 15.80
CA THR A 205 -44.28 6.72 15.57
C THR A 205 -44.57 7.57 14.34
N VAL A 206 -43.74 8.58 14.10
CA VAL A 206 -43.95 9.43 12.94
C VAL A 206 -43.69 8.71 11.63
N GLN A 207 -42.94 7.62 11.68
CA GLN A 207 -42.61 6.84 10.48
C GLN A 207 -43.56 5.67 10.30
N GLU A 208 -44.33 5.35 11.34
CA GLU A 208 -45.26 4.23 11.27
C GLU A 208 -46.27 4.42 10.14
N GLY A 209 -46.39 3.40 9.31
CA GLY A 209 -47.33 3.47 8.21
C GLY A 209 -46.72 4.10 6.97
N LYS A 210 -45.56 4.73 7.12
CA LYS A 210 -44.91 5.37 5.99
C LYS A 210 -44.08 4.37 5.21
N TYR A 211 -44.12 4.50 3.89
CA TYR A 211 -43.39 3.61 3.01
C TYR A 211 -43.40 4.19 1.61
N VAL A 212 -42.62 3.56 0.73
CA VAL A 212 -42.56 3.95 -0.66
C VAL A 212 -42.08 2.73 -1.45
N ILE A 213 -42.65 2.55 -2.63
CA ILE A 213 -42.29 1.43 -3.48
C ILE A 213 -41.60 1.91 -4.74
N TYR A 214 -40.37 1.44 -4.96
CA TYR A 214 -39.64 1.80 -6.16
C TYR A 214 -39.63 0.55 -7.02
N LYS A 215 -39.81 0.72 -8.33
CA LYS A 215 -39.90 -0.40 -9.24
C LYS A 215 -38.76 -0.58 -10.23
N ARG A 216 -38.65 -1.79 -10.79
CA ARG A 216 -37.63 -2.08 -11.78
C ARG A 216 -38.10 -1.55 -13.12
N TYR A 217 -37.15 -1.13 -13.96
CA TYR A 217 -37.48 -0.55 -15.25
C TYR A 217 -38.66 -1.22 -15.96
N ASN A 218 -38.45 -2.41 -16.49
CA ASN A 218 -39.54 -3.12 -17.16
C ASN A 218 -40.24 -4.00 -16.13
N ASP A 219 -39.53 -5.01 -15.64
CA ASP A 219 -40.08 -5.93 -14.65
C ASP A 219 -41.09 -5.31 -13.71
N THR A 220 -42.37 -5.61 -13.94
CA THR A 220 -43.43 -5.12 -13.09
C THR A 220 -43.67 -6.21 -12.04
N CYS A 221 -43.84 -5.83 -10.78
CA CYS A 221 -44.08 -6.84 -9.77
C CYS A 221 -45.48 -7.41 -9.97
N PRO A 222 -45.59 -8.74 -10.12
CA PRO A 222 -46.86 -9.45 -10.34
C PRO A 222 -47.80 -9.42 -9.13
N ASP A 223 -47.24 -9.28 -7.94
CA ASP A 223 -48.04 -9.28 -6.72
C ASP A 223 -49.17 -8.26 -6.68
N GLU A 224 -50.21 -8.58 -5.92
CA GLU A 224 -51.36 -7.70 -5.80
C GLU A 224 -50.93 -6.39 -5.15
N GLN A 225 -51.60 -5.31 -5.52
CA GLN A 225 -51.29 -3.98 -4.99
C GLN A 225 -51.29 -3.93 -3.46
N ASP A 226 -52.31 -4.49 -2.84
CA ASP A 226 -52.40 -4.47 -1.38
C ASP A 226 -51.32 -5.31 -0.73
N TYR A 227 -50.90 -6.37 -1.41
CA TYR A 227 -49.87 -7.25 -0.87
C TYR A 227 -48.53 -6.49 -0.89
N GLN A 228 -48.25 -5.83 -2.02
CA GLN A 228 -47.00 -5.07 -2.16
C GLN A 228 -46.89 -3.99 -1.10
N ILE A 229 -47.99 -3.26 -0.85
CA ILE A 229 -47.96 -2.21 0.16
C ILE A 229 -47.64 -2.79 1.54
N ARG A 230 -48.20 -3.97 1.81
CA ARG A 230 -47.97 -4.66 3.08
C ARG A 230 -46.49 -5.05 3.19
N MET A 231 -45.95 -5.60 2.10
CA MET A 231 -44.55 -6.01 2.07
C MET A 231 -43.63 -4.81 2.20
N ALA A 232 -43.99 -3.71 1.54
CA ALA A 232 -43.19 -2.50 1.59
C ALA A 232 -43.13 -1.99 3.02
N LYS A 233 -44.29 -1.93 3.67
CA LYS A 233 -44.37 -1.46 5.05
C LYS A 233 -43.48 -2.32 5.93
N SER A 234 -43.57 -3.63 5.74
CA SER A 234 -42.78 -4.57 6.54
C SER A 234 -41.28 -4.51 6.26
N SER A 235 -40.89 -4.05 5.08
CA SER A 235 -39.48 -3.99 4.73
C SER A 235 -38.69 -3.07 5.67
N TYR A 236 -39.39 -2.15 6.33
CA TYR A 236 -38.73 -1.23 7.26
C TYR A 236 -38.44 -1.86 8.61
N LYS A 237 -39.10 -2.98 8.91
CA LYS A 237 -38.90 -3.69 10.16
C LYS A 237 -38.56 -5.15 9.90
N PRO A 238 -37.43 -5.42 9.22
CA PRO A 238 -37.04 -6.79 8.92
C PRO A 238 -36.78 -7.64 10.16
N GLY A 239 -36.85 -8.96 9.99
CA GLY A 239 -36.63 -9.85 11.12
C GLY A 239 -35.21 -9.92 11.63
N ARG A 240 -34.24 -9.70 10.74
CA ARG A 240 -32.84 -9.77 11.14
C ARG A 240 -32.53 -9.08 12.44
N PHE A 241 -33.15 -7.92 12.68
CA PHE A 241 -32.90 -7.21 13.92
C PHE A 241 -34.09 -7.10 14.85
N GLY A 242 -34.91 -8.14 14.87
CA GLY A 242 -36.05 -8.21 15.76
C GLY A 242 -37.25 -7.29 15.57
N GLY A 243 -37.55 -6.92 14.32
CA GLY A 243 -38.69 -6.07 14.08
C GLY A 243 -38.46 -4.60 14.33
N LYS A 244 -37.23 -4.21 14.68
CA LYS A 244 -36.92 -2.81 14.90
C LYS A 244 -37.00 -2.13 13.53
N ARG A 245 -37.35 -0.86 13.50
CA ARG A 245 -37.41 -0.15 12.24
C ARG A 245 -36.00 0.34 11.91
N ILE A 246 -35.47 -0.10 10.77
CA ILE A 246 -34.13 0.31 10.34
C ILE A 246 -34.36 1.62 9.60
N GLN A 247 -33.82 2.70 10.17
CA GLN A 247 -34.03 4.03 9.63
C GLN A 247 -32.82 4.74 9.03
N GLN A 248 -33.08 5.46 7.94
CA GLN A 248 -32.06 6.23 7.26
C GLN A 248 -32.09 7.62 7.88
N ALA A 249 -30.93 8.25 8.00
CA ALA A 249 -30.84 9.59 8.56
C ALA A 249 -29.60 10.31 8.03
N ILE A 250 -29.54 11.61 8.25
CA ILE A 250 -28.40 12.40 7.82
C ILE A 250 -27.98 13.30 8.96
N LEU A 251 -26.69 13.27 9.28
CA LEU A 251 -26.16 14.08 10.38
C LEU A 251 -25.21 15.15 9.87
N SER A 252 -25.45 16.40 10.29
CA SER A 252 -24.58 17.49 9.90
C SER A 252 -23.91 18.01 11.15
N ILE A 253 -22.66 18.43 11.02
CA ILE A 253 -21.90 18.95 12.15
C ILE A 253 -21.13 20.19 11.71
N LYS A 254 -21.09 21.20 12.57
CA LYS A 254 -20.35 22.40 12.22
C LYS A 254 -18.86 22.08 12.19
N VAL A 255 -18.17 22.54 11.15
CA VAL A 255 -16.75 22.31 11.01
C VAL A 255 -15.95 23.43 11.68
N SER A 256 -15.24 23.09 12.75
CA SER A 256 -14.42 24.07 13.47
C SER A 256 -13.41 23.33 14.33
N THR A 257 -12.58 24.09 15.05
CA THR A 257 -11.56 23.49 15.91
C THR A 257 -12.22 22.64 16.99
N SER A 258 -13.49 22.91 17.24
CA SER A 258 -14.24 22.16 18.25
C SER A 258 -14.98 21.02 17.56
N LEU A 259 -14.50 19.80 17.75
CA LEU A 259 -15.11 18.64 17.14
C LEU A 259 -16.48 18.35 17.73
N GLY A 260 -17.40 17.89 16.88
CA GLY A 260 -18.74 17.57 17.34
C GLY A 260 -19.59 18.78 17.66
N GLU A 261 -19.18 19.95 17.16
CA GLU A 261 -19.93 21.16 17.44
C GLU A 261 -21.28 21.24 16.72
N ASP A 262 -22.31 21.60 17.47
CA ASP A 262 -23.65 21.79 16.95
C ASP A 262 -24.17 20.70 16.00
N PRO A 263 -24.20 19.45 16.45
CA PRO A 263 -24.69 18.35 15.61
C PRO A 263 -26.21 18.39 15.46
N VAL A 264 -26.68 18.16 14.23
CA VAL A 264 -28.11 18.16 13.95
C VAL A 264 -28.47 16.94 13.12
N LEU A 265 -29.42 16.15 13.61
CA LEU A 265 -29.84 14.95 12.90
C LEU A 265 -31.13 15.15 12.12
N THR A 266 -31.12 14.74 10.86
CA THR A 266 -32.29 14.84 10.01
C THR A 266 -32.77 13.44 9.68
N VAL A 267 -34.05 13.18 9.95
CA VAL A 267 -34.62 11.88 9.67
C VAL A 267 -35.66 12.06 8.57
N PRO A 268 -35.31 11.73 7.33
CA PRO A 268 -36.25 11.87 6.21
C PRO A 268 -37.46 10.94 6.32
N PRO A 269 -38.60 11.36 5.77
CA PRO A 269 -39.83 10.56 5.80
C PRO A 269 -39.67 9.28 4.97
N ASN A 270 -40.17 8.16 5.49
CA ASN A 270 -40.05 6.91 4.76
C ASN A 270 -40.99 6.82 3.57
N THR A 271 -41.57 7.96 3.20
CA THR A 271 -42.42 8.03 2.03
C THR A 271 -41.47 8.37 0.87
N VAL A 272 -40.20 8.61 1.21
CA VAL A 272 -39.18 8.91 0.21
C VAL A 272 -38.02 7.92 0.32
N THR A 273 -37.59 7.63 1.54
CA THR A 273 -36.48 6.70 1.74
C THR A 273 -36.90 5.27 2.04
N LEU A 274 -36.12 4.34 1.53
CA LEU A 274 -36.32 2.92 1.75
C LEU A 274 -35.67 2.61 3.10
N MET A 275 -35.71 1.35 3.49
CA MET A 275 -35.12 0.92 4.75
C MET A 275 -33.72 1.51 4.95
N GLY A 276 -33.44 1.97 6.17
CA GLY A 276 -32.14 2.52 6.45
C GLY A 276 -31.03 1.59 6.03
N ALA A 277 -29.90 2.17 5.59
CA ALA A 277 -28.76 1.38 5.16
C ALA A 277 -27.52 2.24 5.04
N GLU A 278 -26.39 1.60 4.77
CA GLU A 278 -25.15 2.33 4.58
C GLU A 278 -25.40 3.30 3.44
N GLY A 279 -24.59 4.35 3.36
CA GLY A 279 -24.79 5.33 2.31
C GLY A 279 -23.62 6.28 2.20
N ARG A 280 -23.79 7.31 1.37
CA ARG A 280 -22.76 8.30 1.16
C ARG A 280 -23.39 9.63 0.78
N ILE A 281 -22.78 10.72 1.21
CA ILE A 281 -23.27 12.03 0.86
C ILE A 281 -22.31 12.56 -0.20
N LEU A 282 -22.83 12.82 -1.39
CA LEU A 282 -21.99 13.31 -2.47
C LEU A 282 -22.36 14.72 -2.90
N THR A 283 -21.34 15.45 -3.35
CA THR A 283 -21.52 16.80 -3.83
C THR A 283 -20.79 16.89 -5.17
N VAL A 284 -21.57 17.10 -6.23
CA VAL A 284 -21.02 17.20 -7.58
C VAL A 284 -21.61 18.47 -8.18
N GLY A 285 -20.75 19.44 -8.46
CA GLY A 285 -21.23 20.70 -9.00
C GLY A 285 -22.02 21.37 -7.89
N THR A 286 -23.23 21.81 -8.18
CA THR A 286 -24.06 22.46 -7.17
C THR A 286 -25.05 21.44 -6.59
N SER A 287 -25.02 20.23 -7.13
CA SER A 287 -25.93 19.17 -6.69
C SER A 287 -25.36 18.32 -5.56
N HIS A 288 -26.25 17.84 -4.71
CA HIS A 288 -25.89 16.98 -3.58
C HIS A 288 -26.72 15.70 -3.72
N PHE A 289 -26.15 14.58 -3.31
CA PHE A 289 -26.84 13.30 -3.41
C PHE A 289 -26.59 12.41 -2.21
N LEU A 290 -27.55 11.54 -1.92
CA LEU A 290 -27.40 10.57 -0.86
C LEU A 290 -27.45 9.21 -1.52
N TYR A 291 -26.33 8.49 -1.52
CA TYR A 291 -26.32 7.15 -2.06
C TYR A 291 -26.82 6.29 -0.91
N GLN A 292 -27.71 5.35 -1.20
CA GLN A 292 -28.23 4.46 -0.17
C GLN A 292 -28.02 3.03 -0.66
N ARG A 293 -27.29 2.25 0.12
CA ARG A 293 -27.02 0.86 -0.23
C ARG A 293 -28.35 0.11 -0.39
N GLY A 294 -28.41 -0.80 -1.35
CA GLY A 294 -29.63 -1.56 -1.56
C GLY A 294 -29.67 -2.73 -0.59
N SER A 295 -29.84 -2.44 0.69
CA SER A 295 -29.89 -3.48 1.71
C SER A 295 -31.26 -4.12 1.81
N SER A 296 -32.26 -3.51 1.18
CA SER A 296 -33.62 -4.05 1.22
C SER A 296 -33.94 -4.75 -0.10
N TYR A 297 -35.21 -4.69 -0.51
CA TYR A 297 -35.65 -5.36 -1.73
C TYR A 297 -35.25 -4.71 -3.05
N PHE A 298 -34.92 -3.41 -3.02
CA PHE A 298 -34.56 -2.70 -4.24
C PHE A 298 -33.09 -2.90 -4.63
N SER A 299 -32.87 -3.48 -5.80
CA SER A 299 -31.53 -3.77 -6.29
C SER A 299 -30.81 -2.64 -7.03
N PRO A 300 -31.49 -1.95 -7.96
CA PRO A 300 -30.84 -0.87 -8.69
C PRO A 300 -30.16 0.19 -7.82
N ALA A 301 -29.01 0.67 -8.26
CA ALA A 301 -28.26 1.69 -7.51
C ALA A 301 -29.15 2.92 -7.31
N LEU A 302 -29.09 3.48 -6.11
CA LEU A 302 -29.91 4.63 -5.74
C LEU A 302 -29.15 5.91 -5.41
N LEU A 303 -29.67 7.03 -5.90
CA LEU A 303 -29.09 8.35 -5.62
C LEU A 303 -30.26 9.31 -5.38
N TYR A 304 -30.48 9.65 -4.12
CA TYR A 304 -31.55 10.58 -3.78
C TYR A 304 -31.07 12.01 -3.90
N PRO A 305 -31.78 12.84 -4.67
CA PRO A 305 -31.31 14.23 -4.76
C PRO A 305 -31.40 14.78 -3.33
N MET A 306 -30.40 15.57 -2.94
CA MET A 306 -30.37 16.12 -1.59
C MET A 306 -30.20 17.62 -1.60
N THR A 307 -31.11 18.32 -0.93
CA THR A 307 -31.03 19.77 -0.82
C THR A 307 -30.80 20.11 0.64
N VAL A 308 -29.93 21.09 0.89
CA VAL A 308 -29.62 21.48 2.25
C VAL A 308 -30.21 22.85 2.61
N SER A 309 -30.78 22.92 3.80
CA SER A 309 -31.39 24.15 4.29
C SER A 309 -30.83 24.36 5.69
N ASN A 310 -29.79 25.16 5.79
CA ASN A 310 -29.16 25.45 7.07
C ASN A 310 -28.45 24.21 7.60
N LYS A 311 -28.99 23.65 8.70
CA LYS A 311 -28.41 22.48 9.33
C LYS A 311 -29.14 21.18 9.01
N THR A 312 -30.24 21.28 8.26
CA THR A 312 -31.01 20.09 7.91
C THR A 312 -30.99 19.83 6.42
N ALA A 313 -31.42 18.63 6.04
CA ALA A 313 -31.45 18.25 4.64
C ALA A 313 -32.81 17.72 4.25
N THR A 314 -33.07 17.70 2.93
CA THR A 314 -34.32 17.20 2.39
C THR A 314 -33.98 16.28 1.21
N LEU A 315 -34.54 15.08 1.22
CA LEU A 315 -34.30 14.14 0.13
C LEU A 315 -35.50 14.15 -0.80
N HIS A 316 -35.27 13.77 -2.05
CA HIS A 316 -36.32 13.74 -3.06
C HIS A 316 -36.34 12.38 -3.73
N SER A 317 -37.35 12.12 -4.56
CA SER A 317 -37.44 10.86 -5.28
C SER A 317 -36.09 10.61 -5.93
N PRO A 318 -35.51 9.42 -5.75
CA PRO A 318 -34.20 9.07 -6.22
C PRO A 318 -34.06 8.70 -7.72
N TYR A 319 -32.81 8.86 -8.15
CA TYR A 319 -32.44 8.48 -9.48
C TYR A 319 -32.18 6.98 -9.37
N THR A 320 -32.56 6.16 -10.34
CA THR A 320 -32.32 4.73 -10.25
C THR A 320 -31.59 4.27 -11.50
N PHE A 321 -30.66 3.34 -11.35
CA PHE A 321 -29.89 2.81 -12.47
C PHE A 321 -30.14 1.31 -12.50
N ASN A 322 -31.17 0.94 -13.25
CA ASN A 322 -31.63 -0.43 -13.37
C ASN A 322 -30.61 -1.51 -13.68
N ALA A 323 -29.59 -1.18 -14.48
CA ALA A 323 -28.58 -2.17 -14.82
C ALA A 323 -27.50 -2.25 -13.73
N PHE A 324 -27.47 -1.25 -12.85
CA PHE A 324 -26.48 -1.24 -11.77
C PHE A 324 -27.10 -1.95 -10.57
N THR A 325 -27.19 -3.28 -10.67
CA THR A 325 -27.75 -4.09 -9.61
C THR A 325 -26.67 -4.55 -8.65
N ARG A 326 -27.06 -5.19 -7.57
CA ARG A 326 -26.11 -5.73 -6.62
C ARG A 326 -26.62 -7.08 -6.14
N PRO A 327 -25.70 -8.00 -5.78
CA PRO A 327 -26.10 -9.33 -5.32
C PRO A 327 -26.79 -9.28 -3.96
N GLY A 328 -27.75 -10.18 -3.78
CA GLY A 328 -28.47 -10.25 -2.52
C GLY A 328 -29.15 -11.60 -2.38
N SER A 329 -29.50 -11.96 -1.15
CA SER A 329 -30.18 -13.22 -0.92
C SER A 329 -31.64 -13.12 -1.32
N ILE A 330 -32.16 -14.20 -1.89
CA ILE A 330 -33.56 -14.26 -2.30
C ILE A 330 -34.41 -13.92 -1.08
N PRO A 331 -35.56 -13.25 -1.27
CA PRO A 331 -36.14 -12.76 -2.52
C PRO A 331 -35.65 -11.37 -2.88
N CYS A 332 -34.49 -11.00 -2.37
CA CYS A 332 -33.95 -9.68 -2.63
C CYS A 332 -32.68 -9.73 -3.47
N GLN A 333 -32.66 -10.66 -4.42
CA GLN A 333 -31.50 -10.85 -5.29
C GLN A 333 -31.38 -9.73 -6.32
N ALA A 334 -30.29 -9.74 -7.09
CA ALA A 334 -30.06 -8.71 -8.10
C ALA A 334 -31.25 -8.45 -9.02
N SER A 335 -31.95 -9.51 -9.41
CA SER A 335 -33.09 -9.39 -10.32
C SER A 335 -34.43 -9.18 -9.62
N ALA A 336 -34.42 -8.94 -8.32
CA ALA A 336 -35.66 -8.72 -7.57
C ALA A 336 -36.49 -7.59 -8.20
N ARG A 337 -37.81 -7.70 -8.10
CA ARG A 337 -38.69 -6.70 -8.68
C ARG A 337 -39.88 -6.38 -7.78
N CYS A 338 -40.01 -7.11 -6.68
CA CYS A 338 -41.11 -6.92 -5.75
C CYS A 338 -40.72 -6.47 -4.36
N PRO A 339 -41.59 -5.69 -3.70
CA PRO A 339 -41.28 -5.24 -2.36
C PRO A 339 -41.21 -6.48 -1.47
N ASN A 340 -40.33 -6.46 -0.48
CA ASN A 340 -40.17 -7.59 0.44
C ASN A 340 -39.29 -7.17 1.60
N SER A 341 -39.23 -8.02 2.63
CA SER A 341 -38.44 -7.72 3.81
C SER A 341 -37.13 -8.51 3.81
N CYS A 342 -36.02 -7.80 3.98
CA CYS A 342 -34.71 -8.43 3.98
C CYS A 342 -33.63 -7.43 4.39
N VAL A 343 -32.47 -7.96 4.73
CA VAL A 343 -31.30 -7.19 5.08
C VAL A 343 -30.18 -7.92 4.39
N THR A 344 -29.83 -7.47 3.20
CA THR A 344 -28.80 -8.14 2.42
C THR A 344 -28.05 -7.11 1.57
N GLY A 345 -27.74 -7.46 0.33
CA GLY A 345 -27.05 -6.52 -0.54
C GLY A 345 -25.61 -6.26 -0.15
N VAL A 346 -25.01 -5.24 -0.76
CA VAL A 346 -23.63 -4.87 -0.51
C VAL A 346 -23.43 -3.41 -0.93
N TYR A 347 -22.41 -2.76 -0.37
CA TYR A 347 -22.15 -1.37 -0.72
C TYR A 347 -21.32 -1.24 -2.01
N THR A 348 -21.93 -0.65 -3.04
CA THR A 348 -21.27 -0.41 -4.33
C THR A 348 -21.91 0.87 -4.86
N ASP A 349 -21.27 2.02 -4.60
CA ASP A 349 -21.87 3.27 -5.01
C ASP A 349 -21.65 3.77 -6.44
N PRO A 350 -22.56 4.65 -6.91
CA PRO A 350 -22.52 5.25 -8.24
C PRO A 350 -22.07 6.69 -8.13
N TYR A 351 -21.09 7.09 -8.94
CA TYR A 351 -20.60 8.45 -8.90
C TYR A 351 -21.18 9.27 -10.06
N PRO A 352 -21.82 10.42 -9.75
CA PRO A 352 -22.39 11.26 -10.81
C PRO A 352 -21.33 11.64 -11.82
N LEU A 353 -21.55 11.25 -13.07
CA LEU A 353 -20.60 11.47 -14.14
C LEU A 353 -21.11 12.33 -15.30
N ILE A 354 -22.27 11.96 -15.83
CA ILE A 354 -22.85 12.65 -16.96
C ILE A 354 -24.13 13.36 -16.58
N PHE A 355 -24.22 14.64 -16.94
CA PHE A 355 -25.39 15.46 -16.65
C PHE A 355 -26.02 16.05 -17.89
N TYR A 356 -27.32 16.33 -17.80
CA TYR A 356 -28.03 16.97 -18.89
C TYR A 356 -27.60 18.44 -18.76
N ARG A 357 -27.88 19.23 -19.79
CA ARG A 357 -27.54 20.64 -19.78
C ARG A 357 -28.21 21.37 -18.61
N ASN A 358 -29.43 20.97 -18.27
CA ASN A 358 -30.14 21.62 -17.17
C ASN A 358 -29.78 21.08 -15.80
N HIS A 359 -28.64 20.42 -15.73
CA HIS A 359 -28.11 19.87 -14.49
C HIS A 359 -28.74 18.62 -13.90
N THR A 360 -29.71 18.03 -14.60
CA THR A 360 -30.32 16.79 -14.14
C THR A 360 -29.31 15.68 -14.44
N LEU A 361 -29.11 14.76 -13.50
CA LEU A 361 -28.16 13.66 -13.66
C LEU A 361 -28.63 12.65 -14.71
N ARG A 362 -27.71 12.25 -15.59
CA ARG A 362 -28.01 11.28 -16.65
C ARG A 362 -27.29 9.96 -16.46
N GLY A 363 -26.00 10.04 -16.16
CA GLY A 363 -25.22 8.83 -16.00
C GLY A 363 -24.26 8.84 -14.83
N VAL A 364 -23.85 7.65 -14.44
CA VAL A 364 -22.93 7.49 -13.33
C VAL A 364 -21.89 6.42 -13.65
N PHE A 365 -20.80 6.44 -12.90
CA PHE A 365 -19.77 5.44 -13.06
C PHE A 365 -19.73 4.69 -11.73
N GLY A 366 -19.48 3.40 -11.80
CA GLY A 366 -19.41 2.60 -10.60
C GLY A 366 -18.90 1.21 -10.91
N THR A 367 -18.58 0.45 -9.86
CA THR A 367 -18.11 -0.91 -10.04
C THR A 367 -19.10 -1.80 -9.32
N MET A 368 -19.90 -2.51 -10.10
CA MET A 368 -20.89 -3.40 -9.55
C MET A 368 -20.33 -4.80 -9.39
N LEU A 369 -20.99 -5.60 -8.54
CA LEU A 369 -20.66 -6.96 -8.38
C LEU A 369 -21.64 -7.65 -9.30
N ASP A 370 -21.18 -8.00 -10.49
CA ASP A 370 -22.02 -8.62 -11.52
C ASP A 370 -22.44 -10.05 -11.18
N SER A 371 -23.29 -10.19 -10.17
CA SER A 371 -23.75 -11.50 -9.73
C SER A 371 -25.14 -11.38 -9.12
N GLU A 372 -25.91 -12.48 -9.15
CA GLU A 372 -27.26 -12.49 -8.61
C GLU A 372 -27.36 -12.54 -7.09
N GLN A 373 -26.65 -13.48 -6.47
CA GLN A 373 -26.72 -13.65 -5.03
C GLN A 373 -25.38 -13.62 -4.30
N ALA A 374 -24.35 -14.19 -4.91
CA ALA A 374 -23.03 -14.24 -4.30
C ALA A 374 -22.22 -12.98 -4.64
N ARG A 375 -21.36 -12.57 -3.71
CA ARG A 375 -20.52 -11.39 -3.92
C ARG A 375 -19.36 -11.75 -4.83
N LEU A 376 -19.60 -11.70 -6.13
CA LEU A 376 -18.58 -12.07 -7.09
C LEU A 376 -18.50 -11.20 -8.34
N ASN A 377 -17.35 -11.28 -8.99
CA ASN A 377 -17.06 -10.62 -10.30
C ASN A 377 -17.35 -9.14 -10.44
N PRO A 378 -16.42 -8.28 -9.99
CA PRO A 378 -16.54 -6.83 -10.11
C PRO A 378 -16.62 -6.44 -11.58
N ALA A 379 -17.45 -5.46 -11.89
CA ALA A 379 -17.57 -5.00 -13.26
C ALA A 379 -17.72 -3.48 -13.21
N SER A 380 -16.71 -2.78 -13.74
CA SER A 380 -16.73 -1.32 -13.76
C SER A 380 -17.39 -0.90 -15.07
N ALA A 381 -18.21 0.14 -15.00
CA ALA A 381 -18.91 0.63 -16.19
C ALA A 381 -19.62 1.94 -15.94
N VAL A 382 -20.23 2.46 -17.00
CA VAL A 382 -21.01 3.69 -17.00
C VAL A 382 -22.45 3.26 -17.14
N PHE A 383 -23.34 3.85 -16.33
CA PHE A 383 -24.76 3.47 -16.36
C PHE A 383 -25.70 4.67 -16.52
N ASP A 384 -26.85 4.45 -17.14
CA ASP A 384 -27.86 5.49 -17.23
C ASP A 384 -29.04 4.85 -16.50
N SER A 385 -30.23 5.42 -16.60
CA SER A 385 -31.37 4.86 -15.87
C SER A 385 -31.74 3.41 -16.24
N THR A 386 -31.36 2.97 -17.43
CA THR A 386 -31.76 1.62 -17.84
C THR A 386 -30.65 0.69 -18.37
N SER A 387 -29.48 1.20 -18.70
CA SER A 387 -28.46 0.30 -19.25
C SER A 387 -27.03 0.47 -18.73
N ARG A 388 -26.15 -0.36 -19.25
CA ARG A 388 -24.75 -0.36 -18.86
C ARG A 388 -23.85 -0.38 -20.09
N SER A 389 -22.77 0.39 -20.03
CA SER A 389 -21.80 0.47 -21.12
C SER A 389 -20.99 -0.81 -21.14
N ARG A 390 -20.00 -0.89 -22.03
CA ARG A 390 -19.14 -2.05 -22.08
C ARG A 390 -18.40 -1.98 -20.74
N ILE A 391 -17.95 -3.12 -20.23
CA ILE A 391 -17.30 -3.13 -18.92
C ILE A 391 -15.80 -3.39 -18.87
N THR A 392 -15.24 -3.16 -17.69
CA THR A 392 -13.83 -3.41 -17.43
C THR A 392 -13.85 -4.31 -16.21
N ARG A 393 -13.22 -5.47 -16.35
CA ARG A 393 -13.21 -6.49 -15.30
C ARG A 393 -11.90 -6.62 -14.53
N VAL A 394 -12.00 -6.92 -13.25
CA VAL A 394 -10.81 -7.13 -12.44
C VAL A 394 -10.17 -8.41 -12.96
N SER A 395 -11.01 -9.41 -13.25
CA SER A 395 -10.52 -10.69 -13.76
C SER A 395 -11.57 -11.39 -14.60
N SER A 396 -11.11 -12.12 -15.61
CA SER A 396 -12.05 -12.84 -16.45
C SER A 396 -12.45 -14.13 -15.71
N SER A 397 -11.75 -14.43 -14.62
CA SER A 397 -12.03 -15.62 -13.82
C SER A 397 -12.92 -15.25 -12.64
N SER A 398 -13.62 -16.23 -12.08
CA SER A 398 -14.51 -15.99 -10.95
C SER A 398 -13.74 -15.31 -9.83
N THR A 399 -14.23 -14.16 -9.37
CA THR A 399 -13.54 -13.41 -8.33
C THR A 399 -14.42 -12.90 -7.20
N LYS A 400 -14.04 -13.23 -5.98
CA LYS A 400 -14.77 -12.80 -4.80
C LYS A 400 -14.38 -11.35 -4.54
N ALA A 401 -15.35 -10.55 -4.12
CA ALA A 401 -15.12 -9.14 -3.84
C ALA A 401 -16.24 -8.67 -2.91
N ALA A 402 -16.19 -7.40 -2.55
CA ALA A 402 -17.22 -6.84 -1.68
C ALA A 402 -17.52 -5.38 -2.00
N TYR A 403 -17.29 -4.50 -1.04
CA TYR A 403 -17.57 -3.07 -1.19
C TYR A 403 -16.77 -2.36 -2.28
N THR A 404 -17.42 -1.41 -2.94
CA THR A 404 -16.74 -0.59 -3.94
C THR A 404 -17.25 0.83 -3.75
N THR A 405 -16.34 1.79 -3.81
CA THR A 405 -16.72 3.19 -3.70
C THR A 405 -15.90 3.91 -4.77
N SER A 406 -16.61 4.65 -5.62
CA SER A 406 -15.98 5.34 -6.73
C SER A 406 -16.10 6.85 -6.69
N THR A 407 -15.06 7.53 -7.18
CA THR A 407 -15.02 8.98 -7.24
C THR A 407 -14.32 9.32 -8.55
N CYS A 408 -14.91 10.21 -9.33
CA CYS A 408 -14.31 10.59 -10.60
C CYS A 408 -13.85 12.04 -10.60
N PHE A 409 -12.89 12.33 -11.47
CA PHE A 409 -12.33 13.67 -11.57
C PHE A 409 -11.78 13.90 -12.96
N LYS A 410 -11.21 15.08 -13.16
CA LYS A 410 -10.68 15.44 -14.46
C LYS A 410 -9.38 16.23 -14.39
N VAL A 411 -8.53 16.00 -15.40
CA VAL A 411 -7.30 16.78 -15.56
C VAL A 411 -7.70 17.78 -16.61
N VAL A 412 -8.14 18.96 -16.19
CA VAL A 412 -8.60 19.98 -17.12
C VAL A 412 -7.62 20.27 -18.25
N LYS A 413 -6.33 20.27 -17.95
CA LYS A 413 -5.31 20.53 -18.96
C LYS A 413 -5.47 19.64 -20.18
N THR A 414 -5.51 18.33 -19.95
CA THR A 414 -5.65 17.35 -21.03
C THR A 414 -7.11 17.05 -21.29
N ASN A 415 -7.98 17.61 -20.45
CA ASN A 415 -9.41 17.40 -20.56
C ASN A 415 -9.76 15.91 -20.57
N LYS A 416 -9.06 15.13 -19.75
CA LYS A 416 -9.29 13.70 -19.66
C LYS A 416 -9.97 13.37 -18.33
N THR A 417 -11.03 12.57 -18.40
CA THR A 417 -11.77 12.20 -17.20
C THR A 417 -11.36 10.86 -16.63
N TYR A 418 -11.12 10.83 -15.33
CA TYR A 418 -10.70 9.63 -14.63
C TYR A 418 -11.65 9.25 -13.50
N CYS A 419 -11.72 7.95 -13.22
CA CYS A 419 -12.55 7.48 -12.12
C CYS A 419 -11.76 6.52 -11.26
N LEU A 420 -11.70 6.84 -9.97
CA LEU A 420 -11.04 6.00 -8.98
C LEU A 420 -12.13 5.07 -8.48
N SER A 421 -11.83 3.78 -8.36
CA SER A 421 -12.83 2.83 -7.86
C SER A 421 -12.14 1.93 -6.85
N ILE A 422 -12.36 2.24 -5.57
CA ILE A 422 -11.79 1.50 -4.47
C ILE A 422 -12.64 0.26 -4.23
N ALA A 423 -12.05 -0.92 -4.42
CA ALA A 423 -12.79 -2.16 -4.27
C ALA A 423 -12.14 -3.18 -3.34
N GLU A 424 -12.98 -3.79 -2.52
CA GLU A 424 -12.54 -4.84 -1.62
C GLU A 424 -12.46 -6.10 -2.49
N ILE A 425 -11.25 -6.60 -2.71
CA ILE A 425 -11.05 -7.79 -3.53
C ILE A 425 -10.49 -8.93 -2.69
N SER A 426 -10.84 -10.16 -3.03
CA SER A 426 -10.34 -11.32 -2.31
C SER A 426 -8.83 -11.34 -2.44
N ASN A 427 -8.16 -11.93 -1.47
CA ASN A 427 -6.71 -11.97 -1.51
C ASN A 427 -6.23 -13.36 -1.17
N THR A 428 -4.94 -13.60 -1.41
CA THR A 428 -4.33 -14.88 -1.08
C THR A 428 -3.12 -14.56 -0.21
N LEU A 429 -2.78 -15.49 0.67
CA LEU A 429 -1.63 -15.37 1.58
C LEU A 429 -1.72 -14.29 2.65
N PHE A 430 -2.20 -13.11 2.29
CA PHE A 430 -2.28 -12.02 3.27
C PHE A 430 -3.68 -11.50 3.54
N GLY A 431 -4.41 -12.20 4.40
CA GLY A 431 -5.74 -11.76 4.74
C GLY A 431 -6.82 -12.15 3.75
N GLU A 432 -8.07 -12.01 4.18
CA GLU A 432 -9.20 -12.36 3.33
C GLU A 432 -9.42 -11.33 2.23
N PHE A 433 -9.09 -10.08 2.51
CA PHE A 433 -9.29 -9.00 1.54
C PHE A 433 -8.10 -8.07 1.32
N ARG A 434 -8.14 -7.43 0.17
CA ARG A 434 -7.17 -6.44 -0.26
C ARG A 434 -8.03 -5.31 -0.80
N ILE A 435 -7.89 -4.11 -0.25
CA ILE A 435 -8.69 -3.00 -0.74
C ILE A 435 -7.83 -2.31 -1.79
N VAL A 436 -8.23 -2.47 -3.06
CA VAL A 436 -7.46 -1.91 -4.16
C VAL A 436 -8.06 -0.70 -4.85
N PRO A 437 -7.24 0.35 -5.01
CA PRO A 437 -7.69 1.58 -5.66
C PRO A 437 -7.55 1.39 -7.17
N LEU A 438 -8.66 1.00 -7.80
CA LEU A 438 -8.66 0.79 -9.24
C LEU A 438 -8.78 2.15 -9.93
N LEU A 439 -8.22 2.27 -11.12
CA LEU A 439 -8.30 3.54 -11.85
C LEU A 439 -8.55 3.30 -13.33
N VAL A 440 -9.49 4.07 -13.88
CA VAL A 440 -9.80 3.98 -15.29
C VAL A 440 -9.97 5.38 -15.86
N GLU A 441 -9.86 5.50 -17.15
CA GLU A 441 -10.08 6.73 -17.83
C GLU A 441 -11.45 6.56 -18.48
N ILE A 442 -12.26 7.62 -18.59
CA ILE A 442 -13.55 7.47 -19.22
C ILE A 442 -13.36 7.77 -20.71
N LEU A 443 -13.73 6.81 -21.55
CA LEU A 443 -13.58 6.95 -22.99
C LEU A 443 -14.95 7.04 -23.67
N LYS A 444 -14.95 7.30 -24.98
CA LYS A 444 -16.20 7.42 -25.72
C LYS A 444 -16.16 6.61 -27.01
N ASN A 445 -17.24 5.90 -27.29
CA ASN A 445 -17.36 5.08 -28.48
C ASN A 445 -16.80 5.79 -29.70
N ASP A 446 -17.49 6.83 -30.14
CA ASP A 446 -17.02 7.61 -31.30
C ASP A 446 -16.64 9.03 -30.93
N GLY A 447 -15.48 9.47 -31.42
CA GLY A 447 -15.01 10.81 -31.14
C GLY A 447 -14.63 11.56 -32.41
N VAL A 448 -13.71 11.11 -33.11
N GLY B 1 14.10 21.35 11.87
CA GLY B 1 12.70 21.38 11.35
C GLY B 1 12.34 20.13 10.57
N ALA B 2 13.37 19.38 10.17
CA ALA B 2 13.17 18.14 9.41
C ALA B 2 12.40 17.11 10.22
N PRO B 3 11.68 16.20 9.54
CA PRO B 3 10.89 15.17 10.22
C PRO B 3 11.79 14.25 11.05
N ILE B 4 11.21 13.65 12.09
CA ILE B 4 11.96 12.74 12.93
C ILE B 4 10.98 11.68 13.45
N HIS B 5 11.52 10.50 13.76
CA HIS B 5 10.70 9.41 14.29
C HIS B 5 10.06 9.87 15.61
N ASP B 6 8.96 9.23 15.99
CA ASP B 6 8.28 9.57 17.24
C ASP B 6 9.27 9.35 18.40
N PRO B 7 9.08 10.08 19.51
CA PRO B 7 9.96 9.95 20.67
C PRO B 7 10.20 8.51 21.11
N ASP B 8 9.18 7.67 20.94
CA ASP B 8 9.26 6.25 21.33
C ASP B 8 10.41 5.48 20.68
N PHE B 9 10.94 5.99 19.57
CA PHE B 9 12.02 5.31 18.86
C PHE B 9 13.39 5.95 19.06
N ILE B 10 13.43 7.17 19.59
CA ILE B 10 14.70 7.86 19.75
C ILE B 10 15.74 7.04 20.50
N GLY B 11 16.85 6.78 19.81
CA GLY B 11 17.92 6.01 20.40
C GLY B 11 17.80 4.53 20.08
N GLY B 12 16.69 4.15 19.46
CA GLY B 12 16.51 2.74 19.10
C GLY B 12 16.73 2.44 17.63
N ILE B 13 17.26 3.42 16.90
CA ILE B 13 17.50 3.26 15.47
C ILE B 13 18.97 3.16 15.08
N GLY B 14 19.29 2.14 14.27
CA GLY B 14 20.64 1.95 13.77
C GLY B 14 21.76 1.69 14.77
N LYS B 15 21.44 1.06 15.89
CA LYS B 15 22.44 0.78 16.91
C LYS B 15 22.51 -0.72 17.15
N GLU B 16 23.52 -1.16 17.91
CA GLU B 16 23.63 -2.57 18.25
C GLU B 16 22.39 -2.88 19.09
N LEU B 17 21.57 -3.79 18.61
CA LEU B 17 20.33 -4.13 19.30
C LEU B 17 20.43 -5.11 20.47
N ILE B 18 21.14 -6.21 20.27
CA ILE B 18 21.29 -7.21 21.31
C ILE B 18 22.74 -7.50 21.63
N VAL B 19 23.12 -7.22 22.88
CA VAL B 19 24.48 -7.47 23.32
C VAL B 19 24.44 -8.48 24.45
N ASP B 20 24.91 -9.68 24.16
CA ASP B 20 24.95 -10.75 25.14
C ASP B 20 26.15 -11.59 24.75
N ASN B 21 26.79 -12.21 25.74
CA ASN B 21 27.95 -13.04 25.47
C ASN B 21 27.68 -14.46 25.90
N ALA B 22 26.74 -14.63 26.82
CA ALA B 22 26.39 -15.95 27.32
C ALA B 22 25.42 -16.65 26.38
N SER B 23 24.18 -16.18 26.37
CA SER B 23 23.12 -16.75 25.53
C SER B 23 23.58 -17.17 24.14
N ASP B 24 22.94 -18.23 23.61
CA ASP B 24 23.26 -18.70 22.28
C ASP B 24 22.49 -17.83 21.30
N VAL B 25 23.14 -17.43 20.22
CA VAL B 25 22.52 -16.59 19.22
C VAL B 25 21.12 -17.09 18.82
N THR B 26 21.03 -18.38 18.50
CA THR B 26 19.75 -18.95 18.08
C THR B 26 18.71 -19.17 19.17
N SER B 27 18.97 -18.64 20.38
CA SER B 27 17.99 -18.77 21.44
C SER B 27 17.02 -17.61 21.21
N PHE B 28 17.46 -16.67 20.37
CA PHE B 28 16.65 -15.52 19.99
C PHE B 28 15.97 -15.96 18.71
N TYR B 29 14.71 -15.59 18.53
CA TYR B 29 13.99 -15.99 17.33
C TYR B 29 12.87 -15.02 16.99
N PRO B 30 12.38 -15.06 15.74
CA PRO B 30 11.31 -14.17 15.30
C PRO B 30 9.93 -14.66 15.70
N SER B 31 9.07 -13.71 16.06
CA SER B 31 7.70 -14.02 16.44
C SER B 31 6.96 -14.25 15.13
N ALA B 32 5.66 -14.50 15.21
CA ALA B 32 4.86 -14.68 14.01
C ALA B 32 4.80 -13.29 13.37
N PHE B 33 4.54 -13.24 12.07
CA PHE B 33 4.47 -11.94 11.41
C PHE B 33 3.41 -11.09 12.07
N GLN B 34 3.69 -9.79 12.17
CA GLN B 34 2.77 -8.86 12.81
C GLN B 34 2.09 -7.92 11.82
N GLU B 35 0.87 -7.52 12.15
CA GLU B 35 0.11 -6.62 11.29
C GLU B 35 0.49 -5.17 11.60
N HIS B 36 0.86 -4.44 10.56
CA HIS B 36 1.21 -3.03 10.71
C HIS B 36 0.92 -2.34 9.38
N LEU B 37 0.91 -1.01 9.40
CA LEU B 37 0.62 -0.20 8.22
C LEU B 37 1.52 -0.56 7.03
N ASN B 38 0.94 -1.18 6.00
CA ASN B 38 1.71 -1.56 4.83
C ASN B 38 2.02 -0.31 4.01
N PHE B 39 3.23 0.22 4.19
CA PHE B 39 3.64 1.43 3.48
C PHE B 39 4.17 1.20 2.07
N ILE B 40 4.11 -0.04 1.59
CA ILE B 40 4.60 -0.35 0.26
C ILE B 40 3.46 -0.60 -0.74
N PRO B 41 3.34 0.27 -1.75
CA PRO B 41 2.30 0.14 -2.77
C PRO B 41 2.34 -1.17 -3.53
N ALA B 42 1.17 -1.78 -3.70
CA ALA B 42 1.05 -3.03 -4.44
C ALA B 42 0.54 -2.64 -5.84
N PRO B 43 0.66 -3.55 -6.83
CA PRO B 43 0.21 -3.23 -8.18
C PRO B 43 -1.30 -2.93 -8.22
N THR B 44 -1.74 -2.20 -9.24
CA THR B 44 -3.14 -1.87 -9.39
C THR B 44 -3.75 -2.46 -10.66
N THR B 45 -2.96 -3.25 -11.40
CA THR B 45 -3.44 -3.90 -12.62
C THR B 45 -2.91 -5.34 -12.65
N GLY B 46 -3.42 -6.12 -13.59
CA GLY B 46 -2.99 -7.51 -13.69
C GLY B 46 -1.58 -7.72 -14.20
N SER B 47 -1.01 -6.76 -14.91
CA SER B 47 0.34 -6.94 -15.45
C SER B 47 1.42 -6.11 -14.76
N GLY B 48 1.01 -5.10 -14.00
CA GLY B 48 1.98 -4.26 -13.32
C GLY B 48 3.04 -5.02 -12.56
N CYS B 49 4.31 -4.71 -12.84
CA CYS B 49 5.42 -5.38 -12.19
C CYS B 49 6.14 -4.47 -11.19
N THR B 50 5.93 -4.71 -9.89
CA THR B 50 6.60 -3.92 -8.85
C THR B 50 7.70 -4.82 -8.28
N ARG B 51 8.95 -4.42 -8.48
CA ARG B 51 10.10 -5.19 -8.00
C ARG B 51 11.29 -4.29 -7.64
N ILE B 52 12.31 -4.94 -7.10
CA ILE B 52 13.58 -4.30 -6.72
C ILE B 52 13.45 -3.27 -5.61
N PRO B 53 13.13 -3.73 -4.40
CA PRO B 53 12.98 -2.82 -3.27
C PRO B 53 14.32 -2.41 -2.67
N SER B 54 14.40 -1.17 -2.20
CA SER B 54 15.62 -0.67 -1.54
C SER B 54 15.11 0.11 -0.33
N PHE B 55 15.77 -0.08 0.81
CA PHE B 55 15.35 0.59 2.04
C PHE B 55 16.51 0.94 2.97
N ASP B 56 16.45 2.14 3.54
CA ASP B 56 17.46 2.57 4.50
C ASP B 56 16.80 3.52 5.50
N MET B 57 17.22 3.43 6.76
CA MET B 57 16.64 4.28 7.78
C MET B 57 17.71 4.83 8.71
N SER B 58 17.72 6.14 8.87
CA SER B 58 18.68 6.80 9.76
C SER B 58 17.96 7.05 11.07
N ALA B 59 18.67 7.65 12.02
CA ALA B 59 18.11 7.96 13.33
C ALA B 59 16.96 8.96 13.28
N THR B 60 16.68 9.52 12.09
CA THR B 60 15.61 10.49 11.97
C THR B 60 14.48 10.13 10.99
N HIS B 61 14.81 9.46 9.88
CA HIS B 61 13.77 9.10 8.92
C HIS B 61 14.15 7.90 8.06
N TYR B 62 13.16 7.32 7.39
CA TYR B 62 13.41 6.17 6.52
C TYR B 62 13.16 6.52 5.06
N CYS B 63 13.77 5.73 4.18
CA CYS B 63 13.65 5.90 2.74
C CYS B 63 13.37 4.57 2.10
N TYR B 64 12.51 4.57 1.08
CA TYR B 64 12.16 3.35 0.38
C TYR B 64 11.87 3.62 -1.09
N THR B 65 12.19 2.64 -1.94
CA THR B 65 11.92 2.78 -3.36
C THR B 65 11.85 1.42 -4.02
N HIS B 66 11.09 1.36 -5.12
CA HIS B 66 11.01 0.13 -5.90
C HIS B 66 10.67 0.51 -7.33
N ASN B 67 10.98 -0.39 -8.26
CA ASN B 67 10.75 -0.16 -9.68
C ASN B 67 9.38 -0.67 -10.10
N VAL B 68 8.80 -0.02 -11.11
CA VAL B 68 7.49 -0.40 -11.62
C VAL B 68 7.48 -0.46 -13.15
N ILE B 69 7.08 -1.61 -13.70
CA ILE B 69 7.00 -1.78 -15.15
C ILE B 69 5.53 -2.08 -15.48
N LEU B 70 4.97 -1.32 -16.41
CA LEU B 70 3.57 -1.46 -16.76
C LEU B 70 3.11 -2.77 -17.38
N SER B 71 3.79 -3.23 -18.41
CA SER B 71 3.40 -4.45 -19.13
C SER B 71 3.77 -5.78 -18.47
N GLY B 72 4.77 -5.77 -17.61
CA GLY B 72 5.17 -7.01 -16.96
C GLY B 72 6.63 -6.92 -16.56
N CYS B 73 7.09 -7.91 -15.79
CA CYS B 73 8.48 -7.91 -15.33
C CYS B 73 9.50 -8.15 -16.44
N ARG B 74 9.03 -8.63 -17.58
CA ARG B 74 9.91 -8.92 -18.71
C ARG B 74 10.21 -7.71 -19.58
N ASP B 75 9.39 -6.68 -19.49
CA ASP B 75 9.57 -5.47 -20.30
C ASP B 75 10.77 -4.65 -19.83
N HIS B 76 11.56 -4.15 -20.79
CA HIS B 76 12.75 -3.38 -20.44
C HIS B 76 12.76 -1.98 -21.07
N SER B 77 11.74 -1.67 -21.86
CA SER B 77 11.66 -0.37 -22.53
C SER B 77 11.61 0.84 -21.60
N HIS B 78 10.63 0.87 -20.70
CA HIS B 78 10.49 1.98 -19.76
C HIS B 78 9.90 1.51 -18.44
N SER B 79 10.07 2.33 -17.42
CA SER B 79 9.57 2.02 -16.09
C SER B 79 9.66 3.27 -15.24
N HIS B 80 9.09 3.22 -14.06
CA HIS B 80 9.17 4.35 -13.16
C HIS B 80 9.48 3.85 -11.76
N GLN B 81 9.85 4.77 -10.87
CA GLN B 81 10.19 4.40 -9.51
C GLN B 81 9.21 5.00 -8.53
N TYR B 82 8.86 4.24 -7.51
CA TYR B 82 8.04 4.76 -6.43
C TYR B 82 9.07 5.15 -5.38
N LEU B 83 8.90 6.33 -4.79
CA LEU B 83 9.83 6.80 -3.76
C LEU B 83 9.05 7.25 -2.53
N ALA B 84 9.55 6.90 -1.36
CA ALA B 84 8.89 7.29 -0.12
C ALA B 84 9.88 7.69 0.95
N LEU B 85 9.53 8.74 1.67
CA LEU B 85 10.32 9.26 2.76
C LEU B 85 9.32 9.38 3.91
N GLY B 86 9.66 8.79 5.06
CA GLY B 86 8.75 8.86 6.19
C GLY B 86 9.45 8.70 7.52
N VAL B 87 8.65 8.53 8.57
CA VAL B 87 9.21 8.36 9.91
C VAL B 87 8.42 7.28 10.65
N LEU B 88 9.06 6.67 11.65
CA LEU B 88 8.40 5.64 12.43
C LEU B 88 7.56 6.28 13.53
N ARG B 89 6.39 5.71 13.77
CA ARG B 89 5.51 6.22 14.82
C ARG B 89 4.89 5.04 15.53
N THR B 90 4.24 5.31 16.67
CA THR B 90 3.59 4.25 17.43
C THR B 90 2.14 4.67 17.70
N THR B 91 1.25 3.69 17.71
CA THR B 91 -0.16 3.96 17.98
C THR B 91 -0.25 4.18 19.49
N ALA B 92 -1.44 4.52 19.97
CA ALA B 92 -1.62 4.72 21.40
C ALA B 92 -1.37 3.39 22.10
N THR B 93 -1.59 2.28 21.39
CA THR B 93 -1.42 0.94 21.93
C THR B 93 0.00 0.39 21.82
N GLY B 94 0.93 1.21 21.32
CA GLY B 94 2.30 0.75 21.20
C GLY B 94 2.63 0.01 19.92
N ARG B 95 1.71 0.04 18.95
CA ARG B 95 1.93 -0.62 17.67
C ARG B 95 2.70 0.29 16.75
N ILE B 96 3.69 -0.25 16.07
CA ILE B 96 4.49 0.58 15.18
C ILE B 96 3.86 0.72 13.80
N PHE B 97 4.15 1.84 13.15
CA PHE B 97 3.69 2.05 11.80
C PHE B 97 4.63 3.03 11.11
N PHE B 98 5.08 2.66 9.92
CA PHE B 98 5.95 3.52 9.15
C PHE B 98 5.02 4.53 8.51
N SER B 99 5.15 5.78 8.94
CA SER B 99 4.31 6.86 8.46
C SER B 99 5.03 7.65 7.37
N THR B 100 4.73 7.40 6.09
CA THR B 100 5.43 8.16 5.06
C THR B 100 4.86 9.55 4.94
N LEU B 101 5.75 10.51 4.74
CA LEU B 101 5.40 11.92 4.63
C LEU B 101 5.40 12.38 3.18
N ARG B 102 6.30 11.81 2.39
CA ARG B 102 6.42 12.16 0.98
C ARG B 102 6.33 10.87 0.17
N SER B 103 5.29 10.77 -0.64
CA SER B 103 5.03 9.59 -1.47
C SER B 103 4.87 10.02 -2.91
N ILE B 104 5.80 9.63 -3.77
CA ILE B 104 5.70 10.03 -5.17
C ILE B 104 6.03 8.93 -6.17
N SER B 105 5.56 9.15 -7.40
CA SER B 105 5.84 8.25 -8.50
C SER B 105 6.82 9.08 -9.32
N LEU B 106 8.00 8.53 -9.57
CA LEU B 106 8.99 9.25 -10.37
C LEU B 106 8.92 8.69 -11.78
N ASP B 107 8.21 9.40 -12.64
CA ASP B 107 8.07 8.93 -14.01
C ASP B 107 8.24 10.01 -15.06
N ASP B 108 9.40 10.09 -15.63
CA ASP B 108 9.65 10.97 -16.74
C ASP B 108 9.86 9.98 -17.87
N THR B 109 10.85 10.18 -18.71
CA THR B 109 11.04 9.24 -19.80
C THR B 109 12.35 8.47 -19.64
N GLN B 110 13.01 8.70 -18.52
CA GLN B 110 14.27 8.04 -18.23
C GLN B 110 14.04 6.72 -17.53
N ASN B 111 14.71 5.68 -18.02
CA ASN B 111 14.56 4.34 -17.47
C ASN B 111 15.54 4.05 -16.33
N ARG B 112 15.17 4.45 -15.11
CA ARG B 112 16.01 4.21 -13.94
C ARG B 112 15.89 2.77 -13.49
N LYS B 113 17.02 2.12 -13.21
CA LYS B 113 16.99 0.72 -12.80
C LYS B 113 18.03 0.39 -11.73
N SER B 114 17.79 -0.71 -11.02
CA SER B 114 18.69 -1.20 -9.97
C SER B 114 19.02 -0.09 -8.97
N CYS B 115 18.02 0.71 -8.64
CA CYS B 115 18.22 1.83 -7.72
C CYS B 115 18.34 1.48 -6.24
N SER B 116 19.25 2.20 -5.58
CA SER B 116 19.50 2.05 -4.14
C SER B 116 19.18 3.41 -3.51
N VAL B 117 18.62 3.41 -2.31
CA VAL B 117 18.31 4.66 -1.61
C VAL B 117 19.04 4.71 -0.28
N SER B 118 19.22 5.92 0.25
CA SER B 118 19.89 6.08 1.54
C SER B 118 19.35 7.31 2.26
N ALA B 119 19.07 7.16 3.54
CA ALA B 119 18.58 8.27 4.35
C ALA B 119 19.74 9.17 4.77
N THR B 120 19.74 10.41 4.29
CA THR B 120 20.78 11.38 4.62
C THR B 120 20.12 12.57 5.31
N PRO B 121 20.92 13.47 5.90
CA PRO B 121 20.37 14.65 6.58
C PRO B 121 19.56 15.57 5.68
N LEU B 122 19.67 15.38 4.36
CA LEU B 122 18.95 16.22 3.41
C LEU B 122 17.72 15.52 2.83
N GLY B 123 17.48 14.28 3.24
CA GLY B 123 16.32 13.56 2.74
C GLY B 123 16.61 12.13 2.32
N CYS B 124 16.13 11.75 1.15
CA CYS B 124 16.35 10.40 0.63
C CYS B 124 17.17 10.42 -0.65
N ASP B 125 18.43 10.03 -0.52
CA ASP B 125 19.35 9.98 -1.64
C ASP B 125 19.16 8.68 -2.41
N MET B 126 19.17 8.78 -3.73
CA MET B 126 19.01 7.61 -4.56
C MET B 126 20.08 7.55 -5.64
N LEU B 127 20.60 6.36 -5.90
CA LEU B 127 21.58 6.17 -6.95
C LEU B 127 20.96 5.16 -7.89
N CYS B 128 20.87 5.52 -9.15
CA CYS B 128 20.29 4.61 -10.15
C CYS B 128 21.15 4.62 -11.40
N SER B 129 20.95 3.61 -12.20
CA SER B 129 21.58 3.52 -13.50
C SER B 129 20.43 3.85 -14.45
N LYS B 130 20.73 4.39 -15.60
CA LYS B 130 19.71 4.70 -16.58
C LYS B 130 20.05 3.86 -17.78
N VAL B 131 19.16 2.93 -18.14
CA VAL B 131 19.44 2.01 -19.23
C VAL B 131 18.68 2.21 -20.52
N THR B 132 19.38 1.92 -21.61
CA THR B 132 18.86 2.04 -22.97
C THR B 132 19.14 0.71 -23.68
N GLU B 133 19.49 -0.30 -22.90
CA GLU B 133 19.81 -1.64 -23.41
C GLU B 133 19.49 -2.68 -22.34
N THR B 134 19.50 -3.96 -22.71
CA THR B 134 19.26 -5.01 -21.75
C THR B 134 20.58 -5.19 -21.00
N GLU B 135 20.56 -5.94 -19.90
CA GLU B 135 21.77 -6.13 -19.12
C GLU B 135 22.85 -6.82 -19.97
N GLU B 136 22.45 -7.88 -20.67
CA GLU B 136 23.37 -8.62 -21.53
C GLU B 136 24.01 -7.66 -22.54
N GLU B 137 23.18 -6.84 -23.17
CA GLU B 137 23.67 -5.88 -24.16
C GLU B 137 24.58 -4.85 -23.54
N ASP B 138 24.27 -4.45 -22.31
CA ASP B 138 25.06 -3.44 -21.62
C ASP B 138 26.52 -3.90 -21.46
N TYR B 139 26.70 -5.12 -20.97
CA TYR B 139 28.03 -5.68 -20.77
C TYR B 139 28.75 -5.82 -22.11
N ASN B 140 27.99 -5.96 -23.19
CA ASN B 140 28.59 -6.09 -24.52
C ASN B 140 29.05 -4.76 -25.13
N SER B 141 28.49 -3.64 -24.66
CA SER B 141 28.88 -2.33 -25.17
C SER B 141 29.99 -1.73 -24.30
N ALA B 142 31.08 -1.33 -24.94
CA ALA B 142 32.25 -0.76 -24.24
C ALA B 142 32.00 0.38 -23.25
N VAL B 143 31.16 1.34 -23.62
CA VAL B 143 30.88 2.47 -22.75
C VAL B 143 30.18 2.03 -21.46
N PRO B 144 30.47 2.72 -20.35
CA PRO B 144 29.85 2.37 -19.07
C PRO B 144 28.36 2.73 -19.00
N THR B 145 27.66 2.18 -18.02
CA THR B 145 26.25 2.46 -17.82
C THR B 145 26.10 3.86 -17.31
N LEU B 146 25.08 4.55 -17.74
CA LEU B 146 24.91 5.88 -17.21
C LEU B 146 24.30 5.79 -15.82
N MET B 147 24.62 6.75 -14.97
CA MET B 147 24.14 6.73 -13.60
C MET B 147 23.83 8.15 -13.15
N ALA B 148 22.95 8.26 -12.17
CA ALA B 148 22.56 9.56 -11.66
C ALA B 148 22.36 9.50 -10.15
N HIS B 149 22.67 10.60 -9.49
CA HIS B 149 22.50 10.72 -8.05
C HIS B 149 21.32 11.67 -7.87
N GLY B 150 20.25 11.19 -7.24
CA GLY B 150 19.08 12.03 -7.03
C GLY B 150 18.72 12.10 -5.55
N ARG B 151 17.73 12.92 -5.22
CA ARG B 151 17.29 13.05 -3.84
C ARG B 151 15.87 13.57 -3.69
N LEU B 152 15.10 12.86 -2.90
CA LEU B 152 13.77 13.24 -2.55
C LEU B 152 13.90 14.02 -1.27
N GLY B 153 13.72 15.33 -1.32
CA GLY B 153 13.88 16.17 -0.13
C GLY B 153 12.68 16.09 0.80
N PHE B 154 12.85 16.62 2.01
CA PHE B 154 11.78 16.64 2.99
C PHE B 154 10.59 17.46 2.47
N ASP B 155 10.86 18.31 1.50
CA ASP B 155 9.83 19.16 0.91
C ASP B 155 9.05 18.43 -0.19
N GLY B 156 9.37 17.15 -0.41
CA GLY B 156 8.67 16.37 -1.41
C GLY B 156 9.12 16.55 -2.85
N GLN B 157 10.13 17.40 -3.07
CA GLN B 157 10.64 17.62 -4.42
C GLN B 157 11.80 16.69 -4.71
N TYR B 158 11.92 16.28 -5.97
CA TYR B 158 12.99 15.38 -6.39
C TYR B 158 13.93 16.09 -7.37
N HIS B 159 15.22 16.02 -7.08
CA HIS B 159 16.23 16.63 -7.93
C HIS B 159 17.31 15.59 -8.17
N GLU B 160 17.98 15.66 -9.31
CA GLU B 160 19.05 14.71 -9.60
C GLU B 160 20.07 15.25 -10.58
N LYS B 161 21.25 14.66 -10.55
CA LYS B 161 22.35 15.04 -11.42
C LYS B 161 22.98 13.78 -11.98
N ASP B 162 23.17 13.74 -13.30
CA ASP B 162 23.78 12.58 -13.93
C ASP B 162 25.26 12.59 -13.63
N LEU B 163 25.81 11.44 -13.26
CA LEU B 163 27.23 11.34 -12.97
C LEU B 163 28.01 11.24 -14.27
N ASP B 164 29.23 11.76 -14.26
CA ASP B 164 30.09 11.70 -15.44
C ASP B 164 30.72 10.31 -15.50
N VAL B 165 29.93 9.33 -15.89
CA VAL B 165 30.40 7.94 -15.95
C VAL B 165 31.56 7.73 -16.91
N THR B 166 31.63 8.52 -17.98
CA THR B 166 32.71 8.38 -18.94
C THR B 166 34.05 8.49 -18.22
N THR B 167 34.08 9.26 -17.12
CA THR B 167 35.30 9.43 -16.34
C THR B 167 35.26 8.56 -15.08
N LEU B 168 34.22 8.73 -14.27
CA LEU B 168 34.08 7.99 -13.02
C LEU B 168 34.15 6.47 -13.24
N PHE B 169 33.48 5.98 -14.26
CA PHE B 169 33.51 4.55 -14.56
C PHE B 169 34.20 4.29 -15.90
N GLU B 170 35.28 5.02 -16.13
CA GLU B 170 36.05 4.90 -17.35
C GLU B 170 36.48 3.46 -17.68
N ASP B 171 36.85 2.71 -16.64
CA ASP B 171 37.30 1.34 -16.83
C ASP B 171 36.20 0.28 -16.86
N TRP B 172 34.94 0.70 -16.89
CA TRP B 172 33.83 -0.26 -16.87
C TRP B 172 33.01 -0.37 -18.16
N VAL B 173 32.43 -1.54 -18.38
CA VAL B 173 31.58 -1.75 -19.55
C VAL B 173 30.13 -1.72 -19.07
N ALA B 174 29.92 -1.96 -17.79
CA ALA B 174 28.59 -1.94 -17.21
C ALA B 174 28.73 -1.68 -15.72
N ASN B 175 27.75 -0.96 -15.15
CA ASN B 175 27.81 -0.61 -13.75
C ASN B 175 26.43 -0.24 -13.21
N TYR B 176 26.06 -0.86 -12.09
CA TYR B 176 24.76 -0.63 -11.47
C TYR B 176 24.86 -0.55 -9.97
N PRO B 177 23.88 0.11 -9.34
CA PRO B 177 23.86 0.23 -7.87
C PRO B 177 23.52 -1.17 -7.39
N GLY B 178 23.89 -1.51 -6.16
CA GLY B 178 23.62 -2.85 -5.67
C GLY B 178 22.21 -3.13 -5.19
N VAL B 179 21.29 -2.20 -5.43
CA VAL B 179 19.88 -2.24 -5.02
C VAL B 179 19.70 -2.17 -3.52
N GLY B 180 20.59 -2.81 -2.76
CA GLY B 180 20.48 -2.74 -1.32
C GLY B 180 20.68 -1.28 -0.92
N GLY B 181 20.18 -0.89 0.25
CA GLY B 181 20.32 0.49 0.67
C GLY B 181 21.75 0.99 0.77
N GLY B 182 21.89 2.32 0.74
CA GLY B 182 23.19 2.94 0.89
C GLY B 182 23.20 3.45 2.32
N SER B 183 24.32 4.02 2.78
CA SER B 183 24.40 4.52 4.15
C SER B 183 25.13 5.86 4.22
N PHE B 184 24.65 6.73 5.10
CA PHE B 184 25.26 8.04 5.30
C PHE B 184 26.38 7.90 6.33
N ILE B 185 27.60 8.25 5.94
CA ILE B 185 28.75 8.14 6.84
C ILE B 185 29.71 9.31 6.64
N ASP B 186 30.08 9.97 7.73
CA ASP B 186 31.01 11.10 7.70
C ASP B 186 30.73 12.12 6.60
N GLY B 187 29.49 12.61 6.54
CA GLY B 187 29.14 13.61 5.54
C GLY B 187 29.05 13.16 4.10
N ARG B 188 29.19 11.86 3.86
CA ARG B 188 29.08 11.35 2.50
C ARG B 188 28.09 10.18 2.49
N VAL B 189 27.50 9.92 1.33
CA VAL B 189 26.56 8.82 1.20
C VAL B 189 27.31 7.70 0.46
N TRP B 190 27.24 6.49 1.00
CA TRP B 190 27.94 5.35 0.42
C TRP B 190 27.00 4.32 -0.19
N PHE B 191 27.31 3.93 -1.43
CA PHE B 191 26.49 2.96 -2.15
C PHE B 191 27.29 1.77 -2.66
N SER B 192 26.69 0.58 -2.57
CA SER B 192 27.34 -0.61 -3.09
C SER B 192 27.13 -0.47 -4.61
N VAL B 193 28.10 -0.90 -5.41
CA VAL B 193 27.96 -0.83 -6.87
C VAL B 193 28.64 -2.05 -7.47
N TYR B 194 28.19 -2.49 -8.63
CA TYR B 194 28.81 -3.64 -9.30
C TYR B 194 28.58 -3.61 -10.80
N GLY B 195 29.39 -4.36 -11.52
CA GLY B 195 29.26 -4.41 -12.96
C GLY B 195 30.42 -5.15 -13.62
N GLY B 196 30.68 -4.84 -14.88
CA GLY B 196 31.75 -5.48 -15.61
C GLY B 196 32.86 -4.52 -15.98
N LEU B 197 34.08 -5.02 -15.95
CA LEU B 197 35.24 -4.20 -16.27
C LEU B 197 35.71 -4.35 -17.72
N LYS B 198 36.28 -3.27 -18.25
CA LYS B 198 36.81 -3.23 -19.60
C LYS B 198 38.09 -4.06 -19.59
N PRO B 199 38.15 -5.14 -20.39
CA PRO B 199 39.36 -5.96 -20.41
C PRO B 199 40.63 -5.15 -20.70
N ASN B 200 41.70 -5.47 -19.97
CA ASN B 200 42.99 -4.80 -20.13
C ASN B 200 43.04 -3.38 -19.55
N SER B 201 41.95 -2.93 -18.96
CA SER B 201 41.93 -1.59 -18.37
C SER B 201 42.74 -1.65 -17.08
N PRO B 202 43.10 -0.49 -16.52
CA PRO B 202 43.87 -0.51 -15.27
C PRO B 202 43.14 -1.26 -14.15
N SER B 203 41.84 -1.04 -14.03
CA SER B 203 41.05 -1.72 -12.99
C SER B 203 41.07 -3.23 -13.19
N ASP B 204 40.94 -3.65 -14.43
CA ASP B 204 40.94 -5.08 -14.75
C ASP B 204 42.31 -5.69 -14.46
N THR B 205 43.35 -4.98 -14.89
CA THR B 205 44.72 -5.45 -14.71
C THR B 205 45.11 -5.69 -13.25
N VAL B 206 44.80 -4.75 -12.38
CA VAL B 206 45.14 -4.91 -10.97
C VAL B 206 44.46 -6.11 -10.33
N GLN B 207 43.31 -6.51 -10.86
CA GLN B 207 42.56 -7.65 -10.31
C GLN B 207 43.04 -8.97 -10.92
N GLU B 208 43.80 -8.88 -11.99
CA GLU B 208 44.33 -10.05 -12.68
C GLU B 208 45.09 -10.96 -11.71
N GLY B 209 44.63 -12.21 -11.59
CA GLY B 209 45.31 -13.14 -10.71
C GLY B 209 44.82 -13.09 -9.27
N LYS B 210 44.02 -12.10 -8.93
CA LYS B 210 43.48 -11.97 -7.59
C LYS B 210 42.19 -12.77 -7.43
N TYR B 211 42.09 -13.48 -6.33
CA TYR B 211 40.90 -14.28 -6.04
C TYR B 211 40.93 -14.59 -4.55
N VAL B 212 39.86 -15.19 -4.08
CA VAL B 212 39.76 -15.60 -2.69
C VAL B 212 38.74 -16.71 -2.59
N ILE B 213 39.07 -17.74 -1.81
CA ILE B 213 38.18 -18.87 -1.64
C ILE B 213 37.58 -18.84 -0.24
N TYR B 214 36.25 -18.88 -0.16
CA TYR B 214 35.56 -18.92 1.13
C TYR B 214 34.89 -20.29 1.15
N LYS B 215 35.01 -20.99 2.27
CA LYS B 215 34.49 -22.35 2.37
C LYS B 215 33.26 -22.54 3.25
N ARG B 216 32.56 -23.65 3.03
CA ARG B 216 31.38 -23.99 3.81
C ARG B 216 31.82 -24.56 5.15
N TYR B 217 31.20 -24.09 6.22
CA TYR B 217 31.53 -24.51 7.57
C TYR B 217 32.05 -25.93 7.75
N ASN B 218 31.16 -26.91 7.73
CA ASN B 218 31.58 -28.30 7.93
C ASN B 218 31.41 -29.14 6.67
N ASP B 219 31.78 -28.57 5.53
CA ASP B 219 31.65 -29.28 4.25
C ASP B 219 32.80 -28.92 3.32
N THR B 220 33.88 -29.69 3.43
CA THR B 220 35.08 -29.47 2.64
C THR B 220 34.93 -29.80 1.16
N CYS B 221 35.46 -28.94 0.30
CA CYS B 221 35.40 -29.17 -1.14
C CYS B 221 36.43 -30.26 -1.46
N PRO B 222 36.01 -31.34 -2.14
CA PRO B 222 36.86 -32.46 -2.51
C PRO B 222 37.89 -32.20 -3.62
N ASP B 223 37.66 -31.18 -4.44
CA ASP B 223 38.56 -30.89 -5.55
C ASP B 223 39.99 -30.56 -5.14
N GLU B 224 40.94 -30.99 -5.97
CA GLU B 224 42.36 -30.72 -5.74
C GLU B 224 42.52 -29.21 -5.60
N GLN B 225 43.46 -28.80 -4.77
CA GLN B 225 43.71 -27.39 -4.53
C GLN B 225 43.91 -26.58 -5.81
N ASP B 226 44.71 -27.09 -6.73
CA ASP B 226 44.96 -26.36 -7.98
C ASP B 226 43.67 -26.11 -8.76
N TYR B 227 42.73 -27.04 -8.71
CA TYR B 227 41.47 -26.90 -9.43
C TYR B 227 40.58 -25.85 -8.77
N GLN B 228 40.56 -25.82 -7.45
CA GLN B 228 39.75 -24.83 -6.75
C GLN B 228 40.21 -23.43 -7.09
N ILE B 229 41.52 -23.24 -7.10
CA ILE B 229 42.11 -21.94 -7.42
C ILE B 229 41.76 -21.58 -8.86
N ARG B 230 41.82 -22.57 -9.74
CA ARG B 230 41.48 -22.35 -11.14
C ARG B 230 40.04 -21.84 -11.24
N MET B 231 39.13 -22.54 -10.59
CA MET B 231 37.71 -22.17 -10.61
C MET B 231 37.46 -20.86 -9.89
N ALA B 232 38.17 -20.63 -8.79
CA ALA B 232 38.02 -19.40 -8.03
C ALA B 232 38.34 -18.23 -8.96
N LYS B 233 39.47 -18.32 -9.66
CA LYS B 233 39.88 -17.27 -10.58
C LYS B 233 38.84 -17.04 -11.68
N SER B 234 38.34 -18.12 -12.28
CA SER B 234 37.37 -17.98 -13.35
C SER B 234 36.00 -17.46 -12.88
N SER B 235 35.73 -17.61 -11.59
CA SER B 235 34.46 -17.15 -11.03
C SER B 235 34.25 -15.66 -11.19
N TYR B 236 35.33 -14.93 -11.43
CA TYR B 236 35.24 -13.49 -11.62
C TYR B 236 34.95 -13.13 -13.08
N LYS B 237 35.03 -14.13 -13.95
CA LYS B 237 34.77 -13.93 -15.38
C LYS B 237 33.80 -15.01 -15.86
N PRO B 238 32.59 -15.04 -15.29
CA PRO B 238 31.57 -16.02 -15.66
C PRO B 238 31.09 -15.91 -17.10
N GLY B 239 30.57 -17.00 -17.62
CA GLY B 239 30.08 -17.01 -18.99
C GLY B 239 28.82 -16.20 -19.25
N ARG B 240 27.98 -15.99 -18.23
CA ARG B 240 26.73 -15.25 -18.42
C ARG B 240 26.89 -13.92 -19.17
N PHE B 241 27.92 -13.15 -18.85
CA PHE B 241 28.10 -11.88 -19.54
C PHE B 241 29.33 -11.82 -20.44
N GLY B 242 29.50 -12.85 -21.24
CA GLY B 242 30.60 -12.89 -22.19
C GLY B 242 32.00 -12.97 -21.62
N GLY B 243 32.14 -13.46 -20.39
CA GLY B 243 33.46 -13.58 -19.80
C GLY B 243 34.06 -12.28 -19.28
N LYS B 244 33.25 -11.23 -19.19
CA LYS B 244 33.74 -9.96 -18.66
C LYS B 244 33.97 -10.16 -17.18
N ARG B 245 34.91 -9.44 -16.59
CA ARG B 245 35.16 -9.56 -15.16
C ARG B 245 34.08 -8.78 -14.41
N ILE B 246 33.32 -9.47 -13.56
CA ILE B 246 32.26 -8.84 -12.78
C ILE B 246 32.90 -8.40 -11.47
N GLN B 247 32.98 -7.09 -11.28
CA GLN B 247 33.64 -6.49 -10.14
C GLN B 247 32.78 -5.78 -9.11
N GLN B 248 33.17 -5.93 -7.84
CA GLN B 248 32.47 -5.28 -6.74
C GLN B 248 33.13 -3.91 -6.53
N ALA B 249 32.33 -2.91 -6.17
CA ALA B 249 32.88 -1.59 -5.91
C ALA B 249 32.00 -0.82 -4.93
N ILE B 250 32.54 0.29 -4.43
CA ILE B 250 31.81 1.14 -3.49
C ILE B 250 31.96 2.58 -3.93
N LEU B 251 30.84 3.28 -4.06
CA LEU B 251 30.83 4.68 -4.47
C LEU B 251 30.38 5.60 -3.35
N SER B 252 31.16 6.65 -3.08
CA SER B 252 30.78 7.60 -2.05
C SER B 252 30.62 8.96 -2.73
N ILE B 253 29.61 9.70 -2.29
CA ILE B 253 29.30 11.01 -2.83
C ILE B 253 29.11 11.97 -1.66
N LYS B 254 29.58 13.21 -1.82
CA LYS B 254 29.42 14.19 -0.75
C LYS B 254 27.96 14.59 -0.69
N VAL B 255 27.41 14.69 0.52
CA VAL B 255 26.02 15.07 0.69
C VAL B 255 25.91 16.58 0.80
N SER B 256 25.29 17.21 -0.19
CA SER B 256 25.14 18.65 -0.21
C SER B 256 23.98 19.01 -1.12
N THR B 257 23.71 20.31 -1.25
CA THR B 257 22.63 20.76 -2.11
C THR B 257 22.97 20.48 -3.57
N SER B 258 24.24 20.16 -3.84
CA SER B 258 24.66 19.84 -5.18
C SER B 258 24.72 18.32 -5.29
N LEU B 259 23.84 17.75 -6.10
CA LEU B 259 23.80 16.31 -6.27
C LEU B 259 24.98 15.85 -7.12
N GLY B 260 25.52 14.68 -6.79
CA GLY B 260 26.64 14.14 -7.53
C GLY B 260 27.98 14.81 -7.23
N GLU B 261 28.00 15.64 -6.20
CA GLU B 261 29.23 16.36 -5.85
C GLU B 261 30.38 15.49 -5.35
N ASP B 262 31.54 15.64 -5.99
CA ASP B 262 32.76 14.94 -5.60
C ASP B 262 32.64 13.42 -5.41
N PRO B 263 32.21 12.70 -6.45
CA PRO B 263 32.08 11.24 -6.34
C PRO B 263 33.44 10.54 -6.34
N VAL B 264 33.56 9.50 -5.51
CA VAL B 264 34.80 8.73 -5.40
C VAL B 264 34.49 7.24 -5.36
N LEU B 265 34.98 6.51 -6.36
CA LEU B 265 34.76 5.08 -6.47
C LEU B 265 35.90 4.28 -5.87
N THR B 266 35.55 3.32 -5.02
CA THR B 266 36.54 2.46 -4.40
C THR B 266 36.34 1.05 -4.95
N VAL B 267 37.43 0.42 -5.39
CA VAL B 267 37.36 -0.93 -5.92
C VAL B 267 38.22 -1.82 -5.05
N PRO B 268 37.59 -2.59 -4.15
CA PRO B 268 38.36 -3.47 -3.26
C PRO B 268 39.07 -4.57 -4.05
N PRO B 269 40.18 -5.08 -3.50
CA PRO B 269 40.95 -6.13 -4.15
C PRO B 269 40.19 -7.44 -4.10
N ASN B 270 40.31 -8.26 -5.14
CA ASN B 270 39.59 -9.52 -5.15
C ASN B 270 40.22 -10.62 -4.30
N THR B 271 41.18 -10.21 -3.46
CA THR B 271 41.81 -11.14 -2.53
C THR B 271 40.89 -11.14 -1.31
N VAL B 272 39.92 -10.21 -1.30
CA VAL B 272 38.94 -10.14 -0.22
C VAL B 272 37.53 -10.32 -0.76
N THR B 273 37.21 -9.61 -1.84
CA THR B 273 35.87 -9.72 -2.42
C THR B 273 35.70 -10.80 -3.46
N LEU B 274 34.52 -11.39 -3.47
CA LEU B 274 34.16 -12.42 -4.44
C LEU B 274 33.62 -11.63 -5.64
N MET B 275 33.23 -12.34 -6.69
CA MET B 275 32.69 -11.73 -7.90
C MET B 275 31.70 -10.61 -7.55
N GLY B 276 31.77 -9.51 -8.30
CA GLY B 276 30.88 -8.39 -8.04
C GLY B 276 29.41 -8.82 -8.09
N ALA B 277 28.59 -8.19 -7.26
CA ALA B 277 27.18 -8.53 -7.19
C ALA B 277 26.40 -7.42 -6.49
N GLU B 278 25.07 -7.56 -6.45
CA GLU B 278 24.24 -6.59 -5.76
C GLU B 278 24.71 -6.59 -4.31
N GLY B 279 24.34 -5.55 -3.57
CA GLY B 279 24.76 -5.49 -2.18
C GLY B 279 24.15 -4.33 -1.43
N ARG B 280 24.65 -4.10 -0.23
CA ARG B 280 24.13 -3.03 0.61
C ARG B 280 25.21 -2.55 1.56
N ILE B 281 25.19 -1.26 1.88
CA ILE B 281 26.15 -0.70 2.82
C ILE B 281 25.33 -0.51 4.09
N LEU B 282 25.76 -1.15 5.18
CA LEU B 282 25.05 -1.08 6.44
C LEU B 282 25.89 -0.43 7.52
N THR B 283 25.21 0.30 8.40
CA THR B 283 25.86 0.96 9.53
C THR B 283 25.02 0.62 10.77
N VAL B 284 25.62 -0.09 11.71
CA VAL B 284 24.95 -0.48 12.93
C VAL B 284 25.91 -0.11 14.06
N GLY B 285 25.50 0.83 14.89
CA GLY B 285 26.39 1.27 15.96
C GLY B 285 27.52 2.02 15.28
N THR B 286 28.76 1.67 15.61
CA THR B 286 29.90 2.32 15.01
C THR B 286 30.50 1.46 13.90
N SER B 287 29.92 0.29 13.68
CA SER B 287 30.40 -0.63 12.65
C SER B 287 29.71 -0.45 11.30
N HIS B 288 30.45 -0.72 10.23
CA HIS B 288 29.92 -0.63 8.88
C HIS B 288 30.14 -1.97 8.20
N PHE B 289 29.24 -2.35 7.30
CA PHE B 289 29.35 -3.63 6.61
C PHE B 289 28.91 -3.52 5.16
N LEU B 290 29.48 -4.37 4.32
CA LEU B 290 29.05 -4.43 2.93
C LEU B 290 28.41 -5.79 2.80
N TYR B 291 27.11 -5.83 2.49
CA TYR B 291 26.47 -7.12 2.25
C TYR B 291 26.69 -7.33 0.76
N GLN B 292 27.04 -8.55 0.38
CA GLN B 292 27.22 -8.87 -1.02
C GLN B 292 26.36 -10.08 -1.37
N ARG B 293 25.45 -9.91 -2.32
CA ARG B 293 24.58 -11.01 -2.74
C ARG B 293 25.46 -12.18 -3.17
N GLY B 294 25.01 -13.41 -2.91
CA GLY B 294 25.77 -14.58 -3.30
C GLY B 294 25.47 -14.95 -4.74
N SER B 295 25.91 -14.11 -5.66
CA SER B 295 25.65 -14.37 -7.08
C SER B 295 26.61 -15.39 -7.66
N SER B 296 27.71 -15.64 -6.96
CA SER B 296 28.72 -16.57 -7.42
C SER B 296 28.52 -17.94 -6.76
N TYR B 297 29.60 -18.69 -6.58
CA TYR B 297 29.54 -20.04 -6.00
C TYR B 297 29.31 -20.09 -4.49
N PHE B 298 29.58 -19.00 -3.78
CA PHE B 298 29.40 -19.00 -2.33
C PHE B 298 27.96 -18.72 -1.93
N SER B 299 27.37 -19.65 -1.16
CA SER B 299 25.97 -19.55 -0.74
C SER B 299 25.66 -18.85 0.59
N PRO B 300 26.46 -19.10 1.64
CA PRO B 300 26.20 -18.44 2.92
C PRO B 300 26.19 -16.92 2.84
N ALA B 301 25.29 -16.27 3.58
CA ALA B 301 25.20 -14.82 3.58
C ALA B 301 26.53 -14.21 3.99
N LEU B 302 26.92 -13.15 3.29
CA LEU B 302 28.19 -12.49 3.54
C LEU B 302 28.03 -11.06 4.06
N LEU B 303 28.92 -10.69 4.98
CA LEU B 303 28.95 -9.35 5.53
C LEU B 303 30.42 -9.01 5.70
N TYR B 304 30.94 -8.17 4.80
CA TYR B 304 32.34 -7.76 4.87
C TYR B 304 32.47 -6.55 5.79
N PRO B 305 33.31 -6.66 6.84
CA PRO B 305 33.45 -5.50 7.71
C PRO B 305 33.96 -4.36 6.82
N MET B 306 33.43 -3.17 7.02
CA MET B 306 33.84 -2.02 6.21
C MET B 306 34.27 -0.84 7.06
N THR B 307 35.45 -0.31 6.76
CA THR B 307 35.94 0.85 7.48
C THR B 307 36.12 1.92 6.42
N VAL B 308 35.90 3.17 6.81
CA VAL B 308 36.03 4.28 5.89
C VAL B 308 37.17 5.20 6.30
N SER B 309 37.87 5.72 5.29
CA SER B 309 38.98 6.63 5.50
C SER B 309 38.79 7.73 4.47
N ASN B 310 38.30 8.88 4.92
CA ASN B 310 38.03 10.00 4.04
C ASN B 310 36.91 9.69 3.06
N LYS B 311 37.26 9.53 1.79
CA LYS B 311 36.29 9.26 0.74
C LYS B 311 36.33 7.83 0.20
N THR B 312 37.26 7.03 0.71
CA THR B 312 37.39 5.65 0.26
C THR B 312 37.09 4.68 1.38
N ALA B 313 36.86 3.42 1.01
CA ALA B 313 36.55 2.39 1.98
C ALA B 313 37.46 1.19 1.88
N THR B 314 37.55 0.44 2.97
CA THR B 314 38.37 -0.76 3.04
C THR B 314 37.49 -1.90 3.54
N LEU B 315 37.55 -3.04 2.86
CA LEU B 315 36.76 -4.20 3.26
C LEU B 315 37.71 -5.23 3.86
N HIS B 316 37.19 -6.08 4.74
CA HIS B 316 37.97 -7.10 5.42
C HIS B 316 37.30 -8.46 5.27
N SER B 317 37.99 -9.51 5.72
CA SER B 317 37.44 -10.87 5.64
C SER B 317 36.04 -10.81 6.22
N PRO B 318 35.06 -11.38 5.48
CA PRO B 318 33.65 -11.35 5.89
C PRO B 318 33.17 -12.34 6.94
N TYR B 319 32.11 -11.94 7.60
CA TYR B 319 31.39 -12.78 8.49
C TYR B 319 30.57 -13.65 7.58
N THR B 320 30.38 -14.92 7.88
CA THR B 320 29.56 -15.75 7.02
C THR B 320 28.57 -16.51 7.89
N PHE B 321 27.38 -16.73 7.36
CA PHE B 321 26.34 -17.43 8.10
C PHE B 321 25.94 -18.65 7.29
N ASN B 322 26.60 -19.77 7.61
CA ASN B 322 26.42 -21.02 6.90
C ASN B 322 25.00 -21.54 6.70
N ALA B 323 24.10 -21.29 7.65
CA ALA B 323 22.73 -21.78 7.50
C ALA B 323 21.88 -20.80 6.68
N PHE B 324 22.35 -19.56 6.54
CA PHE B 324 21.63 -18.54 5.78
C PHE B 324 22.06 -18.68 4.31
N THR B 325 21.54 -19.72 3.65
CA THR B 325 21.87 -19.96 2.25
C THR B 325 20.87 -19.25 1.34
N ARG B 326 21.09 -19.34 0.03
CA ARG B 326 20.17 -18.76 -0.93
C ARG B 326 20.09 -19.75 -2.09
N PRO B 327 18.95 -19.78 -2.79
CA PRO B 327 18.84 -20.71 -3.92
C PRO B 327 19.65 -20.24 -5.12
N GLY B 328 20.17 -21.20 -5.88
CA GLY B 328 20.96 -20.86 -7.04
C GLY B 328 20.97 -22.05 -7.99
N SER B 329 21.24 -21.79 -9.26
CA SER B 329 21.28 -22.85 -10.25
C SER B 329 22.60 -23.61 -10.09
N ILE B 330 22.57 -24.90 -10.36
CA ILE B 330 23.76 -25.75 -10.25
C ILE B 330 24.83 -25.20 -11.19
N PRO B 331 26.11 -25.36 -10.83
CA PRO B 331 26.62 -25.99 -9.61
C PRO B 331 26.73 -25.00 -8.46
N CYS B 332 25.93 -23.95 -8.50
CA CYS B 332 25.98 -22.93 -7.47
C CYS B 332 24.70 -22.88 -6.63
N GLN B 333 24.18 -24.05 -6.30
CA GLN B 333 22.97 -24.16 -5.51
C GLN B 333 23.25 -23.85 -4.04
N ALA B 334 22.19 -23.75 -3.24
CA ALA B 334 22.32 -23.44 -1.81
C ALA B 334 23.35 -24.29 -1.07
N SER B 335 23.42 -25.57 -1.43
CA SER B 335 24.34 -26.48 -0.77
C SER B 335 25.73 -26.56 -1.41
N ALA B 336 26.02 -25.68 -2.37
CA ALA B 336 27.32 -25.70 -3.03
C ALA B 336 28.45 -25.53 -2.02
N ARG B 337 29.57 -26.19 -2.26
CA ARG B 337 30.70 -26.11 -1.34
C ARG B 337 32.02 -25.91 -2.07
N CYS B 338 31.97 -25.87 -3.39
CA CYS B 338 33.18 -25.70 -4.18
C CYS B 338 33.21 -24.48 -5.10
N PRO B 339 34.41 -23.95 -5.36
CA PRO B 339 34.55 -22.78 -6.24
C PRO B 339 34.05 -23.20 -7.64
N ASN B 340 33.32 -22.29 -8.30
CA ASN B 340 32.78 -22.53 -9.63
C ASN B 340 32.42 -21.19 -10.24
N SER B 341 32.13 -21.18 -11.54
CA SER B 341 31.78 -19.95 -12.24
C SER B 341 30.28 -19.88 -12.49
N CYS B 342 29.65 -18.80 -12.07
CA CYS B 342 28.21 -18.64 -12.23
C CYS B 342 27.75 -17.25 -11.86
N VAL B 343 26.53 -16.90 -12.25
CA VAL B 343 25.90 -15.64 -11.95
C VAL B 343 24.46 -16.05 -11.69
N THR B 344 24.16 -16.34 -10.43
CA THR B 344 22.82 -16.76 -10.05
C THR B 344 22.50 -16.22 -8.66
N GLY B 345 21.80 -17.00 -7.84
CA GLY B 345 21.47 -16.53 -6.51
C GLY B 345 20.35 -15.52 -6.48
N VAL B 346 20.20 -14.85 -5.33
CA VAL B 346 19.16 -13.86 -5.15
C VAL B 346 19.53 -12.94 -3.99
N TYR B 347 19.03 -11.71 -4.01
CA TYR B 347 19.32 -10.76 -2.95
C TYR B 347 18.46 -11.04 -1.71
N THR B 348 19.11 -11.37 -0.60
CA THR B 348 18.43 -11.62 0.68
C THR B 348 19.46 -11.25 1.74
N ASP B 349 19.39 -10.01 2.22
CA ASP B 349 20.39 -9.56 3.18
C ASP B 349 20.19 -9.89 4.64
N PRO B 350 21.29 -9.90 5.40
CA PRO B 350 21.32 -10.19 6.84
C PRO B 350 21.55 -8.89 7.59
N TYR B 351 20.71 -8.62 8.59
CA TYR B 351 20.86 -7.40 9.37
C TYR B 351 21.57 -7.69 10.69
N PRO B 352 22.69 -7.02 10.96
CA PRO B 352 23.44 -7.22 12.20
C PRO B 352 22.51 -7.02 13.39
N LEU B 353 22.33 -8.08 14.17
CA LEU B 353 21.40 -8.04 15.30
C LEU B 353 22.04 -8.25 16.67
N ILE B 354 22.87 -9.29 16.79
CA ILE B 354 23.49 -9.63 18.06
C ILE B 354 25.01 -9.44 18.01
N PHE B 355 25.55 -8.77 19.03
CA PHE B 355 26.98 -8.51 19.12
C PHE B 355 27.58 -8.96 20.46
N TYR B 356 28.90 -9.10 20.47
CA TYR B 356 29.64 -9.44 21.69
C TYR B 356 29.79 -8.09 22.37
N ARG B 357 30.24 -8.09 23.63
CA ARG B 357 30.41 -6.82 24.35
C ARG B 357 31.48 -5.96 23.70
N ASN B 358 32.49 -6.58 23.10
CA ASN B 358 33.56 -5.85 22.46
C ASN B 358 33.21 -5.44 21.04
N HIS B 359 31.95 -5.54 20.70
CA HIS B 359 31.42 -5.12 19.41
C HIS B 359 31.63 -6.01 18.19
N THR B 360 32.12 -7.24 18.38
CA THR B 360 32.27 -8.13 17.23
C THR B 360 30.87 -8.68 16.97
N LEU B 361 30.50 -8.82 15.70
CA LEU B 361 29.17 -9.33 15.35
C LEU B 361 29.03 -10.82 15.62
N ARG B 362 27.90 -11.21 16.22
CA ARG B 362 27.63 -12.62 16.53
C ARG B 362 26.48 -13.18 15.70
N GLY B 363 25.39 -12.45 15.64
CA GLY B 363 24.24 -12.94 14.90
C GLY B 363 23.50 -11.87 14.11
N VAL B 364 22.72 -12.33 13.14
CA VAL B 364 21.95 -11.44 12.28
C VAL B 364 20.55 -11.95 12.07
N PHE B 365 19.69 -11.09 11.55
CA PHE B 365 18.32 -11.45 11.23
C PHE B 365 18.16 -11.34 9.73
N GLY B 366 17.32 -12.19 9.15
CA GLY B 366 17.11 -12.11 7.72
C GLY B 366 16.03 -13.06 7.28
N THR B 367 15.53 -12.83 6.07
CA THR B 367 14.51 -13.68 5.51
C THR B 367 15.17 -14.35 4.31
N MET B 368 15.46 -15.63 4.48
CA MET B 368 16.10 -16.41 3.43
C MET B 368 15.04 -17.12 2.60
N LEU B 369 15.47 -17.52 1.41
CA LEU B 369 14.62 -18.31 0.57
C LEU B 369 15.02 -19.74 0.87
N ASP B 370 14.24 -20.46 1.68
CA ASP B 370 14.60 -21.82 2.06
C ASP B 370 14.43 -22.82 0.93
N SER B 371 15.31 -22.76 -0.05
CA SER B 371 15.24 -23.65 -1.20
C SER B 371 16.63 -23.86 -1.81
N GLU B 372 16.83 -25.01 -2.44
CA GLU B 372 18.09 -25.34 -3.07
C GLU B 372 18.37 -24.58 -4.36
N GLN B 373 17.40 -24.61 -5.27
CA GLN B 373 17.57 -23.96 -6.56
C GLN B 373 16.48 -22.95 -6.94
N ALA B 374 15.22 -23.32 -6.71
CA ALA B 374 14.11 -22.44 -7.05
C ALA B 374 13.92 -21.33 -6.02
N ARG B 375 13.45 -20.17 -6.47
CA ARG B 375 13.20 -19.05 -5.56
C ARG B 375 11.88 -19.30 -4.84
N LEU B 376 11.97 -20.06 -3.75
CA LEU B 376 10.79 -20.41 -2.97
C LEU B 376 10.99 -20.37 -1.48
N ASN B 377 9.85 -20.40 -0.78
CA ASN B 377 9.70 -20.45 0.69
C ASN B 377 10.51 -19.47 1.52
N PRO B 378 10.00 -18.23 1.68
CA PRO B 378 10.61 -17.22 2.52
C PRO B 378 10.64 -17.73 3.95
N ALA B 379 11.77 -17.57 4.64
CA ALA B 379 11.86 -18.00 6.03
C ALA B 379 12.66 -17.01 6.85
N SER B 380 11.99 -16.30 7.74
CA SER B 380 12.64 -15.32 8.60
C SER B 380 13.21 -16.06 9.80
N ALA B 381 14.43 -15.70 10.19
CA ALA B 381 15.07 -16.33 11.33
C ALA B 381 16.29 -15.56 11.78
N VAL B 382 16.88 -16.01 12.89
CA VAL B 382 18.08 -15.41 13.43
C VAL B 382 19.18 -16.43 13.15
N PHE B 383 20.32 -15.94 12.66
CA PHE B 383 21.43 -16.82 12.31
C PHE B 383 22.75 -16.42 12.97
N ASP B 384 23.61 -17.40 13.20
CA ASP B 384 24.94 -17.14 13.70
C ASP B 384 25.84 -17.75 12.64
N SER B 385 27.13 -17.92 12.91
CA SER B 385 28.03 -18.46 11.89
C SER B 385 27.67 -19.84 11.35
N THR B 386 26.95 -20.65 12.12
CA THR B 386 26.65 -21.99 11.65
C THR B 386 25.19 -22.47 11.70
N SER B 387 24.37 -21.88 12.55
CA SER B 387 23.00 -22.35 12.65
C SER B 387 21.87 -21.34 12.44
N ARG B 388 20.65 -21.85 12.54
CA ARG B 388 19.44 -21.03 12.36
C ARG B 388 18.46 -21.24 13.51
N SER B 389 17.83 -20.17 13.95
CA SER B 389 16.86 -20.23 15.04
C SER B 389 15.56 -20.81 14.51
N ARG B 390 14.54 -20.86 15.38
CA ARG B 390 13.22 -21.30 14.96
C ARG B 390 12.84 -20.28 13.89
N ILE B 391 12.10 -20.70 12.87
CA ILE B 391 11.75 -19.79 11.79
C ILE B 391 10.29 -19.35 11.76
N THR B 392 10.02 -18.30 10.98
CA THR B 392 8.66 -17.81 10.78
C THR B 392 8.48 -17.82 9.27
N ARG B 393 7.40 -18.42 8.81
CA ARG B 393 7.14 -18.55 7.38
C ARG B 393 5.94 -17.75 6.89
N VAL B 394 6.03 -17.30 5.64
CA VAL B 394 4.94 -16.56 5.03
C VAL B 394 3.80 -17.55 4.85
N SER B 395 4.14 -18.79 4.50
CA SER B 395 3.15 -19.83 4.32
C SER B 395 3.75 -21.22 4.48
N SER B 396 2.92 -22.17 4.90
CA SER B 396 3.36 -23.55 5.06
C SER B 396 3.35 -24.20 3.68
N SER B 397 2.71 -23.54 2.72
CA SER B 397 2.62 -24.04 1.35
C SER B 397 3.75 -23.48 0.49
N SER B 398 4.04 -24.16 -0.62
CA SER B 398 5.09 -23.72 -1.53
C SER B 398 4.78 -22.30 -2.01
N THR B 399 5.66 -21.36 -1.70
CA THR B 399 5.44 -19.97 -2.06
C THR B 399 6.58 -19.32 -2.84
N LYS B 400 6.27 -18.84 -4.04
CA LYS B 400 7.24 -18.16 -4.89
C LYS B 400 7.58 -16.81 -4.28
N ALA B 401 8.85 -16.44 -4.34
CA ALA B 401 9.30 -15.16 -3.78
C ALA B 401 10.65 -14.82 -4.38
N ALA B 402 11.17 -13.64 -4.03
CA ALA B 402 12.47 -13.23 -4.53
C ALA B 402 13.30 -12.46 -3.50
N TYR B 403 13.59 -11.19 -3.80
CA TYR B 403 14.41 -10.35 -2.91
C TYR B 403 13.83 -10.06 -1.54
N THR B 404 14.71 -9.94 -0.55
CA THR B 404 14.31 -9.58 0.80
C THR B 404 15.39 -8.68 1.37
N THR B 405 14.98 -7.60 2.02
CA THR B 405 15.93 -6.69 2.63
C THR B 405 15.35 -6.40 4.00
N SER B 406 16.14 -6.71 5.03
CA SER B 406 15.72 -6.54 6.40
C SER B 406 16.46 -5.47 7.17
N THR B 407 15.73 -4.78 8.04
CA THR B 407 16.28 -3.73 8.88
C THR B 407 15.62 -3.89 10.25
N CYS B 408 16.42 -3.91 11.31
CA CYS B 408 15.87 -4.07 12.64
C CYS B 408 16.07 -2.81 13.47
N PHE B 409 15.19 -2.63 14.45
CA PHE B 409 15.24 -1.45 15.31
C PHE B 409 14.57 -1.79 16.63
N LYS B 410 14.56 -0.82 17.55
CA LYS B 410 13.94 -1.05 18.84
C LYS B 410 13.02 0.08 19.23
N VAL B 411 11.88 -0.27 19.81
CA VAL B 411 10.96 0.71 20.33
C VAL B 411 11.41 0.88 21.78
N VAL B 412 12.13 1.96 22.09
CA VAL B 412 12.63 2.15 23.44
C VAL B 412 11.51 2.24 24.47
N LYS B 413 10.40 2.89 24.12
CA LYS B 413 9.27 3.03 25.04
C LYS B 413 8.71 1.70 25.53
N THR B 414 8.65 0.72 24.64
CA THR B 414 8.12 -0.61 25.00
C THR B 414 9.23 -1.62 25.18
N ASN B 415 10.46 -1.19 24.91
CA ASN B 415 11.66 -2.02 25.01
C ASN B 415 11.49 -3.33 24.24
N LYS B 416 10.98 -3.24 23.03
CA LYS B 416 10.81 -4.41 22.19
C LYS B 416 11.60 -4.23 20.91
N THR B 417 12.27 -5.30 20.49
CA THR B 417 13.09 -5.29 19.28
C THR B 417 12.32 -5.84 18.09
N TYR B 418 12.33 -5.10 16.98
CA TYR B 418 11.62 -5.52 15.78
C TYR B 418 12.51 -5.55 14.56
N CYS B 419 12.11 -6.34 13.57
CA CYS B 419 12.85 -6.41 12.33
C CYS B 419 11.83 -6.32 11.21
N LEU B 420 12.07 -5.36 10.31
CA LEU B 420 11.23 -5.19 9.14
C LEU B 420 11.92 -6.05 8.09
N SER B 421 11.14 -6.81 7.33
CA SER B 421 11.74 -7.62 6.29
C SER B 421 10.91 -7.46 5.03
N ILE B 422 11.36 -6.59 4.14
CA ILE B 422 10.68 -6.32 2.90
C ILE B 422 11.00 -7.47 1.95
N ALA B 423 9.95 -8.15 1.49
CA ALA B 423 10.13 -9.29 0.61
C ALA B 423 9.23 -9.29 -0.61
N GLU B 424 9.81 -9.62 -1.76
CA GLU B 424 9.05 -9.69 -3.00
C GLU B 424 8.32 -11.03 -2.94
N ILE B 425 6.99 -10.98 -2.89
CA ILE B 425 6.20 -12.20 -2.82
C ILE B 425 5.36 -12.37 -4.07
N SER B 426 5.14 -13.62 -4.48
CA SER B 426 4.31 -13.87 -5.65
C SER B 426 2.92 -13.32 -5.37
N ASN B 427 2.20 -12.96 -6.42
CA ASN B 427 0.87 -12.40 -6.24
C ASN B 427 -0.13 -13.02 -7.21
N THR B 428 -1.41 -12.75 -6.97
CA THR B 428 -2.48 -13.21 -7.84
C THR B 428 -3.30 -11.97 -8.20
N LEU B 429 -3.94 -12.02 -9.36
CA LEU B 429 -4.81 -10.95 -9.86
C LEU B 429 -4.14 -9.62 -10.19
N PHE B 430 -3.16 -9.21 -9.39
CA PHE B 430 -2.51 -7.93 -9.60
C PHE B 430 -0.99 -7.99 -9.75
N GLY B 431 -0.53 -8.41 -10.94
CA GLY B 431 0.91 -8.48 -11.18
C GLY B 431 1.58 -9.75 -10.68
N GLU B 432 2.81 -9.96 -11.15
CA GLU B 432 3.56 -11.14 -10.76
C GLU B 432 4.02 -11.09 -9.31
N PHE B 433 4.35 -9.89 -8.84
CA PHE B 433 4.85 -9.72 -7.48
C PHE B 433 4.13 -8.65 -6.66
N ARG B 434 4.28 -8.77 -5.35
CA ARG B 434 3.75 -7.88 -4.35
C ARG B 434 4.93 -7.71 -3.39
N ILE B 435 5.38 -6.48 -3.18
CA ILE B 435 6.47 -6.25 -2.24
C ILE B 435 5.86 -5.99 -0.87
N VAL B 436 6.01 -6.96 0.03
CA VAL B 436 5.41 -6.85 1.35
C VAL B 436 6.36 -6.55 2.52
N PRO B 437 6.00 -5.54 3.32
CA PRO B 437 6.86 -5.22 4.45
C PRO B 437 6.48 -6.12 5.61
N LEU B 438 7.17 -7.25 5.75
CA LEU B 438 6.89 -8.18 6.83
C LEU B 438 7.47 -7.63 8.11
N LEU B 439 6.84 -7.93 9.23
CA LEU B 439 7.32 -7.44 10.52
C LEU B 439 7.26 -8.53 11.58
N VAL B 440 8.33 -8.64 12.37
CA VAL B 440 8.39 -9.63 13.44
C VAL B 440 9.05 -9.00 14.66
N GLU B 441 8.77 -9.56 15.82
CA GLU B 441 9.39 -9.08 17.04
C GLU B 441 10.44 -10.14 17.37
N ILE B 442 11.63 -9.72 17.80
CA ILE B 442 12.66 -10.68 18.15
C ILE B 442 12.42 -11.14 19.59
N LEU B 443 12.22 -12.44 19.75
CA LEU B 443 11.97 -13.04 21.05
C LEU B 443 13.14 -13.89 21.53
N LYS B 444 13.09 -14.28 22.80
CA LYS B 444 14.14 -15.11 23.37
C LYS B 444 13.48 -16.23 24.20
N ASN B 445 13.97 -17.46 24.04
CA ASN B 445 13.41 -18.60 24.76
C ASN B 445 13.21 -18.29 26.24
N ASP B 446 14.24 -18.52 27.04
CA ASP B 446 14.15 -18.28 28.48
C ASP B 446 15.47 -18.60 29.18
N GLY B 447 15.90 -19.77 29.08
#